data_5WWP
#
_entry.id   5WWP
#
_cell.length_a   185.675
_cell.length_b   185.675
_cell.length_c   185.087
_cell.angle_alpha   90.00
_cell.angle_beta   90.00
_cell.angle_gamma   120.00
#
_symmetry.space_group_name_H-M   'P 61 2 2'
#
loop_
_entity.id
_entity.type
_entity.pdbx_description
1 polymer ORF1ab
2 non-polymer 'ZINC ION'
3 non-polymer 'SULFATE ION'
#
_entity_poly.entity_id   1
_entity_poly.type   'polypeptide(L)'
_entity_poly.pdbx_seq_one_letter_code
;GPAVGSCVVCHSQTSLRCGTCIRRPFLCCKCCYDHVIATPHKMVLSVSPYVCNAPGCGVSDVTKLYLGGMSYFCVDHRPV
CSFPLCANGLVFGLYKNMCTGSPSIVEFNRLATCDWTESGDYTLANTTTEPLKLFAAETLRATEEASKQSYAIATIKEIV
GERQLLLVWEAGKSKPPLNRNYVFTGYHITKNSKVQLGEYIFERIDYSDAVSYKSSTTYKLTVGDIFVLTSHSVATLTAP
TIVNQERYVKITGLYPTITVPEEFASHVANFQKSGYSKYVTVQGPPGTGKSHFAIGLAIYYPTARVVYTACSHAAVDALC
EKAFKYLNIAKCSRIIPAKARVECYDRFKVNETNSQYLFSTINALPETSADILVVDEVSMCTNYDLSIINARIKAKHIVY
VGDPAQLPAPRTLLTRGTLEPENFNSVTRLMCNLGPDIFLSMCYRCPKEIVSTVSALVYNNKLLAKKELSGQCFKILYKG
NVTHDASSAINRPQLTFVKNFITANPAWSKAVFISPYNSQNAVSRSMLGLTTQTVDSSQGSEYQYVIFCQTADTAHANNI
NRFNVAITRAQKGILCVMTSQALFESLEFTELSFTNYKLQ
;
_entity_poly.pdbx_strand_id   B,A
#
loop_
_chem_comp.id
_chem_comp.type
_chem_comp.name
_chem_comp.formula
SO4 non-polymer 'SULFATE ION' 'O4 S -2'
ZN non-polymer 'ZINC ION' 'Zn 2'
#
# COMPACT_ATOMS: atom_id res chain seq x y z
N PRO A 2 -8.88 38.17 -8.32
CA PRO A 2 -10.18 38.71 -8.69
C PRO A 2 -11.30 37.80 -8.22
N ALA A 3 -12.24 37.58 -9.11
CA ALA A 3 -13.19 36.49 -8.92
C ALA A 3 -13.62 35.90 -10.25
N VAL A 4 -13.00 36.32 -11.35
CA VAL A 4 -13.04 35.62 -12.63
C VAL A 4 -11.60 35.42 -13.07
N GLY A 5 -11.21 34.18 -13.27
CA GLY A 5 -9.82 33.85 -13.56
C GLY A 5 -9.72 32.64 -14.46
N SER A 6 -8.56 32.01 -14.52
CA SER A 6 -8.33 30.89 -15.42
C SER A 6 -8.30 29.58 -14.66
N CYS A 7 -9.02 28.58 -15.18
CA CYS A 7 -9.02 27.22 -14.64
C CYS A 7 -7.60 26.84 -14.30
N VAL A 8 -7.42 26.26 -13.11
CA VAL A 8 -6.08 25.84 -12.72
C VAL A 8 -5.69 24.53 -13.37
N VAL A 9 -6.57 23.90 -14.13
CA VAL A 9 -6.23 22.65 -14.78
C VAL A 9 -5.95 22.90 -16.25
N CYS A 10 -7.00 23.02 -17.07
CA CYS A 10 -6.83 23.61 -18.40
C CYS A 10 -6.54 25.10 -18.18
N HIS A 11 -6.52 25.93 -19.20
CA HIS A 11 -6.33 27.34 -18.91
C HIS A 11 -7.62 28.13 -19.11
N SER A 12 -8.73 27.44 -19.27
CA SER A 12 -9.94 28.08 -19.75
C SER A 12 -10.42 29.12 -18.78
N GLN A 13 -11.15 30.09 -19.29
CA GLN A 13 -11.72 31.11 -18.43
C GLN A 13 -12.87 30.54 -17.65
N THR A 14 -13.11 31.10 -16.48
CA THR A 14 -14.15 30.59 -15.62
C THR A 14 -14.48 31.63 -14.58
N SER A 15 -15.65 31.47 -13.97
CA SER A 15 -16.03 32.27 -12.81
C SER A 15 -16.23 31.42 -11.58
N LEU A 16 -15.88 30.15 -11.65
CA LEU A 16 -16.17 29.22 -10.58
C LEU A 16 -14.89 28.73 -9.96
N ARG A 17 -14.89 28.58 -8.64
CA ARG A 17 -13.79 27.94 -7.95
C ARG A 17 -14.35 27.03 -6.87
N CYS A 18 -13.58 26.01 -6.51
CA CYS A 18 -14.02 25.04 -5.51
C CYS A 18 -13.99 25.70 -4.15
N GLY A 19 -15.13 25.73 -3.48
CA GLY A 19 -15.23 26.41 -2.21
C GLY A 19 -14.90 25.59 -0.99
N THR A 20 -14.56 24.30 -1.12
CA THR A 20 -14.05 23.52 -0.01
C THR A 20 -12.63 23.02 -0.18
N CYS A 21 -12.04 23.08 -1.37
CA CYS A 21 -10.61 22.89 -1.47
C CYS A 21 -9.90 23.98 -0.67
N ILE A 22 -8.78 23.60 -0.06
CA ILE A 22 -8.15 24.45 0.94
C ILE A 22 -7.71 25.80 0.38
N ARG A 23 -7.49 25.89 -0.93
CA ARG A 23 -6.92 27.07 -1.56
C ARG A 23 -7.83 27.71 -2.58
N ARG A 24 -9.04 27.24 -2.71
CA ARG A 24 -10.06 27.81 -3.56
C ARG A 24 -9.57 28.08 -4.97
N PRO A 25 -9.20 27.09 -5.75
CA PRO A 25 -8.67 27.36 -7.07
C PRO A 25 -9.75 27.51 -8.12
N PHE A 26 -9.45 28.30 -9.13
CA PHE A 26 -10.36 28.42 -10.25
C PHE A 26 -10.48 27.10 -10.96
N LEU A 27 -11.70 26.74 -11.31
CA LEU A 27 -11.98 25.54 -12.07
C LEU A 27 -12.99 25.89 -13.14
N CYS A 28 -12.79 25.40 -14.35
CA CYS A 28 -13.72 25.72 -15.42
C CYS A 28 -14.96 24.88 -15.26
N CYS A 29 -15.86 24.98 -16.21
CA CYS A 29 -17.14 24.33 -16.04
C CYS A 29 -17.03 22.83 -16.23
N LYS A 30 -16.05 22.37 -16.99
CA LYS A 30 -15.85 20.94 -17.13
C LYS A 30 -15.03 20.39 -15.98
N CYS A 31 -13.96 21.08 -15.62
CA CYS A 31 -13.14 20.58 -14.53
C CYS A 31 -13.89 20.65 -13.20
N CYS A 32 -14.72 21.67 -13.01
CA CYS A 32 -15.50 21.74 -11.79
C CYS A 32 -16.46 20.58 -11.69
N TYR A 33 -17.01 20.15 -12.81
CA TYR A 33 -17.85 18.98 -12.80
C TYR A 33 -17.06 17.75 -12.40
N ASP A 34 -16.00 17.48 -13.14
CA ASP A 34 -15.16 16.36 -12.78
C ASP A 34 -14.67 16.47 -11.35
N HIS A 35 -14.49 17.68 -10.83
CA HIS A 35 -14.04 17.78 -9.45
C HIS A 35 -15.14 17.37 -8.49
N VAL A 36 -16.37 17.82 -8.70
CA VAL A 36 -17.37 17.64 -7.66
C VAL A 36 -17.98 16.25 -7.72
N ILE A 37 -18.15 15.67 -8.91
CA ILE A 37 -18.70 14.32 -8.92
C ILE A 37 -17.70 13.31 -8.39
N ALA A 38 -16.40 13.61 -8.42
CA ALA A 38 -15.36 12.63 -8.18
C ALA A 38 -14.61 12.85 -6.88
N THR A 39 -15.22 13.51 -5.91
CA THR A 39 -14.47 13.99 -4.76
C THR A 39 -15.45 14.56 -3.76
N PRO A 40 -15.08 14.64 -2.48
CA PRO A 40 -16.01 15.14 -1.47
C PRO A 40 -16.34 16.62 -1.57
N HIS A 41 -15.88 17.27 -2.63
CA HIS A 41 -16.01 18.72 -2.76
C HIS A 41 -17.25 19.03 -3.55
N LYS A 42 -18.24 19.60 -2.87
CA LYS A 42 -19.52 19.90 -3.45
C LYS A 42 -19.89 21.36 -3.35
N MET A 43 -19.04 22.20 -2.78
CA MET A 43 -19.30 23.62 -2.62
C MET A 43 -18.61 24.38 -3.73
N VAL A 44 -19.39 25.07 -4.56
CA VAL A 44 -18.87 25.83 -5.70
C VAL A 44 -19.08 27.31 -5.45
N LEU A 45 -18.01 28.08 -5.57
CA LEU A 45 -18.01 29.53 -5.38
C LEU A 45 -17.93 30.23 -6.73
N SER A 46 -18.83 31.18 -6.95
CA SER A 46 -18.65 32.20 -7.97
C SER A 46 -18.62 33.55 -7.29
N VAL A 47 -19.17 34.57 -7.91
CA VAL A 47 -19.19 35.85 -7.22
C VAL A 47 -19.99 35.74 -5.94
N SER A 48 -21.07 35.04 -5.99
CA SER A 48 -21.93 34.60 -4.91
C SER A 48 -21.79 33.09 -4.74
N PRO A 49 -21.74 32.58 -3.51
CA PRO A 49 -21.65 31.13 -3.35
C PRO A 49 -22.90 30.47 -3.90
N TYR A 50 -22.72 29.24 -4.35
CA TYR A 50 -23.84 28.48 -4.86
C TYR A 50 -24.51 27.84 -3.65
N VAL A 51 -25.54 28.49 -3.13
CA VAL A 51 -26.35 27.96 -2.04
C VAL A 51 -27.81 28.22 -2.35
N CYS A 52 -28.68 27.69 -1.50
CA CYS A 52 -30.11 27.85 -1.72
C CYS A 52 -30.54 29.26 -1.35
N ASN A 53 -31.33 29.87 -2.23
CA ASN A 53 -31.77 31.24 -2.01
C ASN A 53 -32.89 31.35 -0.99
N ALA A 54 -33.71 30.31 -0.85
CA ALA A 54 -34.84 30.40 0.06
C ALA A 54 -34.37 30.67 1.48
N PRO A 55 -35.11 31.44 2.25
CA PRO A 55 -34.64 31.84 3.58
C PRO A 55 -34.32 30.64 4.45
N GLY A 56 -33.20 30.72 5.14
CA GLY A 56 -32.86 29.71 6.11
C GLY A 56 -32.53 28.34 5.58
N CYS A 57 -32.41 28.17 4.26
CA CYS A 57 -32.17 26.82 3.74
C CYS A 57 -30.74 26.38 3.98
N GLY A 58 -29.79 27.00 3.29
CA GLY A 58 -28.40 26.78 3.66
C GLY A 58 -27.78 25.48 3.23
N VAL A 59 -28.30 24.85 2.19
CA VAL A 59 -27.65 23.67 1.64
C VAL A 59 -26.74 24.11 0.51
N SER A 60 -25.56 23.52 0.45
CA SER A 60 -24.49 24.00 -0.39
C SER A 60 -23.82 22.81 -1.09
N ASP A 61 -24.61 22.06 -1.83
CA ASP A 61 -24.17 20.85 -2.50
C ASP A 61 -24.59 21.00 -3.96
N VAL A 62 -23.64 21.30 -4.84
CA VAL A 62 -23.97 21.64 -6.22
C VAL A 62 -24.73 20.52 -6.89
N THR A 63 -24.64 19.32 -6.37
CA THR A 63 -25.43 18.23 -6.89
C THR A 63 -26.88 18.30 -6.46
N LYS A 64 -27.24 19.30 -5.65
CA LYS A 64 -28.59 19.44 -5.14
C LYS A 64 -29.20 20.80 -5.41
N LEU A 65 -28.48 21.71 -6.06
CA LEU A 65 -28.94 23.06 -6.30
C LEU A 65 -29.39 23.19 -7.74
N TYR A 66 -30.48 23.91 -7.93
CA TYR A 66 -31.09 24.07 -9.22
C TYR A 66 -31.18 25.56 -9.52
N LEU A 67 -31.33 25.90 -10.79
CA LEU A 67 -31.40 27.28 -11.22
C LEU A 67 -32.82 27.61 -11.58
N GLY A 68 -33.42 28.55 -10.86
CA GLY A 68 -34.77 28.95 -11.15
C GLY A 68 -34.92 30.45 -11.31
N GLY A 69 -35.30 30.87 -12.50
CA GLY A 69 -35.29 32.27 -12.77
C GLY A 69 -33.86 32.74 -12.84
N MET A 70 -33.41 33.47 -11.83
CA MET A 70 -32.02 33.87 -11.75
C MET A 70 -31.44 33.58 -10.39
N SER A 71 -32.16 32.88 -9.53
CA SER A 71 -31.66 32.47 -8.22
C SER A 71 -31.50 30.97 -8.16
N TYR A 72 -30.68 30.52 -7.23
CA TYR A 72 -30.35 29.11 -7.07
C TYR A 72 -31.22 28.49 -5.99
N PHE A 73 -31.52 27.20 -6.12
CA PHE A 73 -32.55 26.63 -5.27
C PHE A 73 -32.26 25.21 -4.82
N CYS A 74 -32.65 24.94 -3.57
CA CYS A 74 -32.77 23.61 -3.00
C CYS A 74 -33.65 22.72 -3.86
N VAL A 75 -33.42 21.42 -3.76
CA VAL A 75 -34.35 20.48 -4.38
C VAL A 75 -35.75 20.67 -3.80
N ASP A 76 -35.84 20.88 -2.49
CA ASP A 76 -37.14 21.10 -1.89
C ASP A 76 -37.70 22.47 -2.25
N HIS A 77 -36.83 23.46 -2.46
CA HIS A 77 -37.23 24.85 -2.61
C HIS A 77 -37.36 25.29 -4.06
N ARG A 78 -37.09 24.43 -5.01
CA ARG A 78 -36.97 24.94 -6.36
C ARG A 78 -38.31 25.28 -6.98
N PRO A 79 -38.32 26.15 -7.96
CA PRO A 79 -39.56 26.51 -8.65
C PRO A 79 -39.93 25.42 -9.64
N VAL A 80 -41.05 25.62 -10.31
CA VAL A 80 -41.65 24.52 -11.07
C VAL A 80 -40.68 24.02 -12.14
N CYS A 81 -40.30 24.89 -13.07
CA CYS A 81 -39.31 24.53 -14.06
C CYS A 81 -37.96 25.04 -13.64
N SER A 82 -36.94 24.20 -13.76
CA SER A 82 -35.58 24.56 -13.36
C SER A 82 -34.64 23.41 -13.69
N PHE A 83 -33.43 23.71 -14.11
CA PHE A 83 -32.48 22.68 -14.43
C PHE A 83 -31.37 22.63 -13.40
N PRO A 84 -30.63 21.52 -13.33
CA PRO A 84 -29.60 21.42 -12.31
C PRO A 84 -28.41 22.28 -12.64
N LEU A 85 -27.75 22.76 -11.60
CA LEU A 85 -26.48 23.43 -11.80
C LEU A 85 -25.46 22.46 -12.34
N CYS A 86 -25.60 21.19 -12.01
CA CYS A 86 -24.54 20.20 -12.20
C CYS A 86 -25.12 19.02 -12.96
N ALA A 87 -24.98 19.03 -14.28
CA ALA A 87 -25.47 17.95 -15.13
C ALA A 87 -24.78 18.07 -16.48
N ASN A 88 -25.05 17.11 -17.37
CA ASN A 88 -24.49 17.10 -18.71
C ASN A 88 -22.98 17.02 -18.68
N GLY A 89 -22.40 16.91 -17.50
CA GLY A 89 -20.97 16.95 -17.37
C GLY A 89 -20.39 18.32 -17.14
N LEU A 90 -21.21 19.34 -16.92
CA LEU A 90 -20.75 20.72 -16.78
C LEU A 90 -21.38 21.34 -15.56
N VAL A 91 -20.71 22.33 -14.99
CA VAL A 91 -21.25 23.11 -13.89
C VAL A 91 -21.58 24.51 -14.40
N PHE A 92 -22.66 25.06 -13.89
CA PHE A 92 -23.24 26.28 -14.44
C PHE A 92 -22.37 27.48 -14.12
N GLY A 93 -21.70 28.00 -15.14
CA GLY A 93 -20.88 29.18 -15.00
C GLY A 93 -21.01 30.12 -16.17
N LEU A 94 -20.03 31.01 -16.34
CA LEU A 94 -20.08 32.01 -17.38
C LEU A 94 -19.71 31.46 -18.75
N TYR A 95 -18.48 30.98 -18.89
CA TYR A 95 -17.90 30.71 -20.19
C TYR A 95 -18.23 29.31 -20.69
N LYS A 96 -19.45 28.83 -20.42
CA LYS A 96 -19.80 27.42 -20.56
C LYS A 96 -19.50 26.83 -21.93
N ASN A 97 -19.29 27.65 -22.95
CA ASN A 97 -19.08 27.11 -24.28
C ASN A 97 -17.68 26.56 -24.45
N MET A 98 -16.67 27.28 -23.97
CA MET A 98 -15.31 27.02 -24.40
C MET A 98 -14.41 26.47 -23.30
N CYS A 99 -14.99 25.89 -22.24
CA CYS A 99 -14.15 25.21 -21.25
C CYS A 99 -13.76 23.85 -21.82
N THR A 100 -12.48 23.70 -22.15
CA THR A 100 -12.02 22.51 -22.84
C THR A 100 -11.89 21.34 -21.88
N GLY A 101 -11.16 21.54 -20.80
CA GLY A 101 -10.86 20.50 -19.84
C GLY A 101 -9.53 19.82 -20.15
N SER A 102 -9.11 18.96 -19.23
CA SER A 102 -7.87 18.23 -19.42
C SER A 102 -7.97 16.82 -18.84
N PRO A 103 -7.31 15.85 -19.47
CA PRO A 103 -7.17 14.54 -18.82
C PRO A 103 -6.47 14.64 -17.49
N SER A 104 -5.70 15.69 -17.26
CA SER A 104 -5.00 15.88 -16.01
C SER A 104 -5.92 16.28 -14.87
N ILE A 105 -7.22 16.27 -15.08
CA ILE A 105 -8.13 16.60 -13.99
C ILE A 105 -8.03 15.58 -12.87
N VAL A 106 -7.71 14.33 -13.23
CA VAL A 106 -7.60 13.30 -12.22
C VAL A 106 -6.40 13.54 -11.35
N GLU A 107 -5.36 14.17 -11.88
CA GLU A 107 -4.24 14.53 -11.02
C GLU A 107 -4.62 15.65 -10.07
N PHE A 108 -5.42 16.60 -10.55
CA PHE A 108 -5.96 17.62 -9.68
C PHE A 108 -6.76 16.99 -8.55
N ASN A 109 -7.74 16.15 -8.88
CA ASN A 109 -8.61 15.60 -7.85
C ASN A 109 -7.80 14.92 -6.75
N ARG A 110 -6.70 14.29 -7.10
CA ARG A 110 -5.86 13.66 -6.09
C ARG A 110 -5.16 14.71 -5.27
N LEU A 111 -4.53 15.67 -5.93
CA LEU A 111 -3.81 16.70 -5.21
C LEU A 111 -4.73 17.50 -4.30
N ALA A 112 -5.97 17.68 -4.71
CA ALA A 112 -6.87 18.51 -3.92
C ALA A 112 -7.46 17.77 -2.75
N THR A 113 -7.30 16.46 -2.69
CA THR A 113 -7.96 15.61 -1.70
C THR A 113 -7.01 14.88 -0.79
N CYS A 114 -5.81 14.58 -1.25
CA CYS A 114 -4.87 13.81 -0.46
C CYS A 114 -4.48 14.56 0.79
N ASP A 115 -4.45 13.85 1.91
CA ASP A 115 -3.61 14.24 3.03
C ASP A 115 -2.17 13.92 2.67
N TRP A 116 -1.25 14.75 3.13
CA TRP A 116 0.10 14.67 2.61
C TRP A 116 0.93 13.76 3.51
N THR A 117 0.59 12.48 3.45
CA THR A 117 1.26 11.47 4.26
C THR A 117 1.92 10.39 3.43
N GLU A 118 1.27 9.90 2.39
CA GLU A 118 1.91 8.93 1.53
C GLU A 118 2.85 9.63 0.57
N SER A 119 4.08 9.12 0.45
CA SER A 119 5.04 9.73 -0.47
C SER A 119 4.56 9.68 -1.91
N GLY A 120 3.62 8.82 -2.23
CA GLY A 120 3.11 8.84 -3.60
C GLY A 120 2.55 10.18 -4.00
N ASP A 121 2.06 10.95 -3.05
CA ASP A 121 1.46 12.23 -3.41
C ASP A 121 2.52 13.27 -3.74
N TYR A 122 3.65 13.26 -3.04
CA TYR A 122 4.70 14.23 -3.31
C TYR A 122 5.35 13.99 -4.64
N THR A 123 5.38 12.76 -5.12
CA THR A 123 5.91 12.51 -6.46
C THR A 123 4.96 13.06 -7.52
N LEU A 124 3.66 12.92 -7.33
CA LEU A 124 2.71 13.53 -8.25
C LEU A 124 2.89 15.03 -8.28
N ALA A 125 2.87 15.66 -7.12
CA ALA A 125 3.13 17.08 -6.97
C ALA A 125 4.34 17.59 -7.73
N ASN A 126 5.17 16.69 -8.24
CA ASN A 126 6.38 17.09 -8.93
C ASN A 126 6.45 16.61 -10.36
N THR A 127 5.60 15.68 -10.75
CA THR A 127 5.58 15.20 -12.11
C THR A 127 4.41 15.73 -12.91
N THR A 128 3.56 16.56 -12.31
CA THR A 128 2.33 17.04 -12.94
C THR A 128 2.62 18.17 -13.90
N THR A 129 1.57 18.81 -14.38
CA THR A 129 1.71 19.99 -15.20
C THR A 129 2.27 21.14 -14.38
N GLU A 130 2.76 22.15 -15.07
CA GLU A 130 3.32 23.27 -14.34
C GLU A 130 2.29 23.99 -13.49
N PRO A 131 1.07 24.22 -13.96
CA PRO A 131 0.10 24.90 -13.09
C PRO A 131 -0.32 24.07 -11.90
N LEU A 132 -0.41 22.76 -12.05
CA LEU A 132 -0.76 21.93 -10.92
C LEU A 132 0.41 21.78 -9.97
N LYS A 133 1.63 21.89 -10.47
CA LYS A 133 2.79 21.94 -9.59
C LYS A 133 2.66 23.04 -8.57
N LEU A 134 2.02 24.12 -8.95
CA LEU A 134 1.79 25.21 -8.02
C LEU A 134 0.67 24.89 -7.05
N PHE A 135 -0.42 24.30 -7.56
CA PHE A 135 -1.54 24.01 -6.70
C PHE A 135 -1.16 23.01 -5.63
N ALA A 136 -0.43 21.97 -6.01
CA ALA A 136 0.05 21.04 -5.02
C ALA A 136 0.89 21.76 -4.00
N ALA A 137 1.73 22.67 -4.45
CA ALA A 137 2.66 23.30 -3.54
C ALA A 137 1.92 24.19 -2.57
N GLU A 138 0.91 24.91 -3.04
CA GLU A 138 0.13 25.75 -2.15
C GLU A 138 -0.61 24.91 -1.14
N THR A 139 -1.37 23.91 -1.60
CA THR A 139 -2.16 23.12 -0.68
C THR A 139 -1.28 22.33 0.26
N LEU A 140 -0.13 21.87 -0.20
CA LEU A 140 0.80 21.19 0.70
C LEU A 140 1.19 22.11 1.85
N ARG A 141 1.59 23.33 1.54
CA ARG A 141 1.99 24.25 2.60
C ARG A 141 0.78 24.73 3.37
N ALA A 142 -0.39 24.72 2.75
CA ALA A 142 -1.56 25.15 3.48
C ALA A 142 -1.97 24.11 4.50
N THR A 143 -1.88 22.83 4.15
CA THR A 143 -2.22 21.82 5.13
C THR A 143 -1.16 21.72 6.20
N GLU A 144 0.10 21.95 5.84
CA GLU A 144 1.17 21.91 6.84
C GLU A 144 0.96 22.97 7.90
N GLU A 145 0.55 24.17 7.50
CA GLU A 145 0.25 25.21 8.48
C GLU A 145 -1.05 24.95 9.19
N ALA A 146 -1.94 24.16 8.61
CA ALA A 146 -3.17 23.83 9.30
C ALA A 146 -2.99 22.71 10.30
N SER A 147 -1.96 21.89 10.13
CA SER A 147 -1.64 20.87 11.10
C SER A 147 -1.04 21.46 12.36
N LYS A 148 -0.46 22.65 12.27
CA LYS A 148 0.10 23.27 13.47
C LYS A 148 -0.92 23.31 14.59
N GLN A 149 -2.13 23.79 14.29
CA GLN A 149 -3.18 23.88 15.29
C GLN A 149 -3.62 22.53 15.82
N SER A 150 -3.05 21.42 15.33
CA SER A 150 -3.36 20.12 15.87
C SER A 150 -2.43 19.72 16.99
N TYR A 151 -1.17 20.15 16.95
CA TYR A 151 -0.23 19.83 17.99
C TYR A 151 -0.62 20.50 19.30
N ALA A 152 -0.17 19.91 20.40
CA ALA A 152 -0.56 20.40 21.70
C ALA A 152 0.18 21.68 22.03
N ILE A 153 -0.21 22.29 23.14
CA ILE A 153 0.34 23.56 23.57
C ILE A 153 1.22 23.30 24.78
N ALA A 154 2.11 24.24 25.05
CA ALA A 154 3.11 24.09 26.10
C ALA A 154 2.98 25.22 27.10
N THR A 155 2.94 24.87 28.38
CA THR A 155 3.00 25.82 29.48
C THR A 155 4.35 25.68 30.17
N ILE A 156 4.79 26.76 30.81
CA ILE A 156 6.08 26.78 31.47
C ILE A 156 5.90 26.38 32.93
N LYS A 157 6.49 25.23 33.30
CA LYS A 157 6.39 24.73 34.67
C LYS A 157 7.33 25.45 35.61
N GLU A 158 8.59 25.58 35.21
CA GLU A 158 9.64 26.07 36.10
C GLU A 158 10.85 26.44 35.25
N ILE A 159 11.54 27.49 35.67
CA ILE A 159 12.71 27.99 34.94
C ILE A 159 13.96 27.37 35.55
N VAL A 160 14.70 26.61 34.75
CA VAL A 160 15.93 25.99 35.21
C VAL A 160 17.14 26.88 34.99
N GLY A 161 16.97 28.02 34.35
CA GLY A 161 18.09 28.93 34.19
C GLY A 161 17.90 29.82 32.99
N GLU A 162 18.67 30.91 32.98
CA GLU A 162 18.72 31.85 31.90
C GLU A 162 19.74 31.41 30.88
N ARG A 163 19.27 30.91 29.74
CA ARG A 163 17.84 30.86 29.46
C ARG A 163 17.41 29.45 29.07
N GLN A 164 17.06 28.63 30.06
CA GLN A 164 16.60 27.28 29.79
C GLN A 164 15.32 27.02 30.56
N LEU A 165 14.43 26.25 29.96
CA LEU A 165 13.05 26.14 30.43
C LEU A 165 12.67 24.68 30.66
N LEU A 166 11.53 24.51 31.32
CA LEU A 166 10.93 23.20 31.57
C LEU A 166 9.65 23.10 30.74
N LEU A 167 9.71 22.32 29.68
CA LEU A 167 8.53 22.07 28.88
C LEU A 167 7.45 21.40 29.72
N VAL A 168 6.21 21.83 29.53
CA VAL A 168 5.06 21.09 30.03
C VAL A 168 4.00 21.09 28.94
N TRP A 169 3.63 19.91 28.48
CA TRP A 169 2.89 19.70 27.25
C TRP A 169 1.51 19.16 27.56
N GLU A 170 0.49 19.91 27.19
CA GLU A 170 -0.88 19.49 27.50
C GLU A 170 -1.19 18.17 26.82
N ALA A 171 -1.46 17.15 27.62
CA ALA A 171 -1.87 15.87 27.06
C ALA A 171 -3.31 15.97 26.55
N GLY A 172 -3.68 14.98 25.75
CA GLY A 172 -4.93 15.01 25.03
C GLY A 172 -4.80 15.36 23.57
N LYS A 173 -3.64 15.89 23.17
CA LYS A 173 -3.34 16.17 21.77
C LYS A 173 -1.85 15.94 21.57
N SER A 174 -1.50 15.31 20.45
CA SER A 174 -0.12 14.92 20.20
C SER A 174 0.82 16.11 20.36
N LYS A 175 2.10 15.83 20.61
CA LYS A 175 3.04 16.84 21.08
C LYS A 175 4.12 17.06 20.05
N PRO A 176 4.37 18.30 19.61
CA PRO A 176 5.24 18.54 18.49
C PRO A 176 6.69 18.37 18.89
N PRO A 177 7.56 18.12 17.93
CA PRO A 177 8.98 18.01 18.26
C PRO A 177 9.61 19.38 18.47
N LEU A 178 10.43 19.48 19.51
CA LEU A 178 11.14 20.70 19.85
C LEU A 178 12.27 20.86 18.85
N ASN A 179 11.95 21.53 17.75
CA ASN A 179 12.72 21.44 16.54
C ASN A 179 12.78 22.82 15.91
N ARG A 180 13.69 22.96 14.95
CA ARG A 180 13.79 24.22 14.22
C ARG A 180 12.60 24.42 13.29
N ASN A 181 11.99 23.33 12.82
CA ASN A 181 10.84 23.32 11.90
C ASN A 181 9.56 23.73 12.58
N TYR A 182 9.68 24.23 13.81
CA TYR A 182 8.53 24.55 14.64
C TYR A 182 8.82 25.86 15.36
N VAL A 183 7.98 26.87 15.13
CA VAL A 183 8.18 28.20 15.68
C VAL A 183 6.98 28.52 16.56
N PHE A 184 7.22 28.68 17.85
CA PHE A 184 6.16 28.98 18.80
C PHE A 184 6.17 30.48 19.12
N THR A 185 5.00 31.00 19.50
CA THR A 185 4.87 32.38 19.94
C THR A 185 4.42 32.38 21.39
N GLY A 186 4.95 33.32 22.16
CA GLY A 186 4.69 33.33 23.58
C GLY A 186 3.45 34.11 23.99
N TYR A 187 3.02 33.85 25.22
CA TYR A 187 1.88 34.54 25.81
C TYR A 187 2.05 34.67 27.32
N LYS A 194 -2.14 37.33 28.19
CA LYS A 194 -2.60 37.42 26.80
C LYS A 194 -1.87 38.52 26.06
N VAL A 195 -0.56 38.35 25.87
CA VAL A 195 0.28 39.28 25.14
C VAL A 195 1.23 38.49 24.26
N GLN A 196 1.47 38.98 23.05
CA GLN A 196 2.34 38.26 22.10
C GLN A 196 3.78 38.59 22.43
N LEU A 197 4.42 37.69 23.17
CA LEU A 197 5.77 37.93 23.68
C LEU A 197 6.82 37.87 22.58
N GLY A 198 6.56 37.13 21.51
CA GLY A 198 7.50 37.05 20.41
C GLY A 198 7.46 35.67 19.79
N GLU A 199 8.34 35.48 18.81
CA GLU A 199 8.52 34.19 18.18
C GLU A 199 9.60 33.41 18.91
N TYR A 200 9.45 32.09 18.95
CA TYR A 200 10.33 31.26 19.75
C TYR A 200 10.64 29.96 19.02
N ILE A 201 11.88 29.52 19.13
CA ILE A 201 12.31 28.22 18.64
C ILE A 201 13.04 27.51 19.76
N PHE A 202 12.97 26.18 19.74
CA PHE A 202 13.41 25.38 20.86
C PHE A 202 14.37 24.31 20.41
N GLU A 203 15.06 23.73 21.40
CA GLU A 203 16.06 22.70 21.19
C GLU A 203 16.38 22.02 22.50
N ARG A 204 16.34 20.69 22.54
CA ARG A 204 16.54 19.98 23.79
C ARG A 204 18.01 19.98 24.18
N ILE A 205 18.28 20.27 25.44
CA ILE A 205 19.65 20.41 25.93
C ILE A 205 20.20 19.02 26.24
N ASP A 206 21.11 18.55 25.40
CA ASP A 206 21.86 17.31 25.63
C ASP A 206 20.94 16.14 25.92
N TYR A 207 19.93 15.97 25.07
CA TYR A 207 19.02 14.83 25.13
C TYR A 207 18.43 14.69 26.53
N SER A 208 17.65 15.69 26.92
CA SER A 208 17.16 15.74 28.28
C SER A 208 15.70 16.18 28.27
N ASP A 209 15.18 16.39 29.46
CA ASP A 209 13.79 16.72 29.68
C ASP A 209 13.53 18.22 29.64
N ALA A 210 14.59 19.02 29.62
CA ALA A 210 14.48 20.46 29.48
C ALA A 210 14.96 20.87 28.09
N VAL A 211 14.80 22.14 27.78
CA VAL A 211 14.93 22.59 26.41
C VAL A 211 15.73 23.88 26.36
N SER A 212 16.57 24.03 25.33
CA SER A 212 17.28 25.28 25.10
C SER A 212 16.33 26.25 24.42
N TYR A 213 16.85 27.35 23.91
CA TYR A 213 15.95 28.49 23.81
C TYR A 213 16.54 29.68 23.08
N LYS A 214 16.06 29.93 21.86
CA LYS A 214 16.35 31.15 21.12
C LYS A 214 15.04 31.73 20.60
N SER A 215 14.96 33.05 20.54
CA SER A 215 13.67 33.69 20.30
C SER A 215 13.83 34.98 19.51
N SER A 216 12.70 35.49 19.06
CA SER A 216 12.59 36.90 18.67
C SER A 216 12.66 37.74 19.93
N THR A 217 13.83 37.68 20.57
CA THR A 217 14.15 38.31 21.84
C THR A 217 13.65 39.76 21.96
N THR A 218 13.62 40.37 23.16
CA THR A 218 14.30 39.93 24.38
C THR A 218 13.42 39.84 25.63
N TYR A 219 12.11 39.70 25.46
CA TYR A 219 11.20 39.65 26.59
C TYR A 219 11.68 38.64 27.62
N LYS A 220 11.56 39.00 28.90
CA LYS A 220 12.00 38.15 30.00
C LYS A 220 10.81 37.35 30.53
N LEU A 221 10.91 36.03 30.44
CA LEU A 221 9.76 35.16 30.58
C LEU A 221 9.33 35.00 32.03
N THR A 222 8.03 34.97 32.25
CA THR A 222 7.45 34.72 33.56
C THR A 222 6.90 33.30 33.60
N VAL A 223 7.24 32.56 34.66
CA VAL A 223 6.78 31.18 34.76
C VAL A 223 5.27 31.15 34.78
N GLY A 224 4.70 30.25 33.99
CA GLY A 224 3.29 30.24 33.74
C GLY A 224 2.89 30.82 32.40
N ASP A 225 3.80 30.83 31.44
CA ASP A 225 3.49 31.35 30.12
C ASP A 225 3.13 30.21 29.18
N ILE A 226 2.78 30.57 27.95
CA ILE A 226 2.22 29.64 26.99
C ILE A 226 2.99 29.73 25.69
N PHE A 227 3.11 28.60 25.01
CA PHE A 227 3.74 28.54 23.69
C PHE A 227 2.82 27.76 22.74
N VAL A 228 2.34 28.43 21.71
CA VAL A 228 1.42 27.82 20.75
C VAL A 228 2.08 27.82 19.39
N LEU A 229 2.04 26.68 18.73
CA LEU A 229 2.42 26.61 17.33
C LEU A 229 1.39 27.37 16.51
N THR A 230 1.67 28.64 16.23
CA THR A 230 0.71 29.49 15.54
C THR A 230 0.66 29.17 14.05
N SER A 231 -0.52 28.83 13.54
CA SER A 231 -0.69 28.66 12.11
C SER A 231 -0.41 29.97 11.40
N HIS A 232 0.17 29.89 10.21
CA HIS A 232 0.58 31.07 9.47
C HIS A 232 -0.12 31.13 8.12
N SER A 233 0.05 32.26 7.47
CA SER A 233 -0.62 32.50 6.20
C SER A 233 0.26 32.01 5.07
N VAL A 234 -0.38 31.66 3.97
CA VAL A 234 0.26 30.96 2.87
C VAL A 234 0.09 31.76 1.60
N ALA A 235 1.21 32.06 0.94
CA ALA A 235 1.15 32.90 -0.25
C ALA A 235 0.37 32.21 -1.35
N THR A 236 0.10 32.95 -2.40
CA THR A 236 -0.50 32.42 -3.62
C THR A 236 0.59 32.39 -4.68
N LEU A 237 0.81 31.22 -5.26
CA LEU A 237 1.94 31.01 -6.14
C LEU A 237 1.58 31.38 -7.56
N THR A 238 2.39 32.19 -8.19
CA THR A 238 2.20 32.55 -9.59
C THR A 238 3.40 32.26 -10.46
N ALA A 239 4.60 32.48 -9.98
CA ALA A 239 5.77 32.21 -10.79
C ALA A 239 6.01 30.72 -10.83
N PRO A 240 6.45 30.19 -11.94
CA PRO A 240 6.63 28.75 -12.05
C PRO A 240 7.70 28.30 -11.08
N THR A 241 7.90 26.99 -11.01
CA THR A 241 8.96 26.47 -10.18
C THR A 241 10.31 26.75 -10.80
N ILE A 242 10.42 26.61 -12.11
CA ILE A 242 11.63 26.98 -12.84
C ILE A 242 11.22 27.88 -13.98
N VAL A 243 11.92 29.00 -14.14
CA VAL A 243 11.63 29.88 -15.24
C VAL A 243 12.00 29.21 -16.54
N ASN A 244 11.40 29.69 -17.63
CA ASN A 244 11.58 29.04 -18.92
C ASN A 244 13.01 29.21 -19.40
N GLN A 245 13.57 28.15 -19.96
CA GLN A 245 14.98 28.12 -20.27
C GLN A 245 15.28 28.85 -21.55
N GLU A 246 16.32 29.65 -21.54
CA GLU A 246 16.75 30.42 -22.69
C GLU A 246 18.22 30.11 -22.97
N ARG A 247 18.51 29.72 -24.20
CA ARG A 247 19.87 29.52 -24.65
C ARG A 247 20.34 30.77 -25.38
N TYR A 248 21.60 31.13 -25.15
CA TYR A 248 22.17 32.35 -25.71
C TYR A 248 23.39 32.02 -26.56
N VAL A 249 23.68 32.90 -27.51
CA VAL A 249 24.89 32.74 -28.30
C VAL A 249 26.08 33.39 -27.64
N LYS A 250 25.87 34.26 -26.66
CA LYS A 250 26.97 34.98 -26.04
C LYS A 250 26.59 35.34 -24.62
N ILE A 251 27.59 35.49 -23.77
CA ILE A 251 27.38 35.85 -22.37
C ILE A 251 26.55 37.11 -22.29
N THR A 252 25.29 36.97 -21.90
CA THR A 252 24.37 38.09 -21.84
C THR A 252 24.37 38.73 -20.47
N GLY A 253 24.14 40.04 -20.43
CA GLY A 253 23.94 40.74 -19.18
C GLY A 253 25.13 40.79 -18.24
N LEU A 254 26.09 39.90 -18.41
CA LEU A 254 27.24 39.81 -17.54
C LEU A 254 28.52 40.19 -18.27
N TYR A 255 29.51 40.64 -17.51
CA TYR A 255 30.74 41.18 -18.08
C TYR A 255 31.95 40.53 -17.44
N PRO A 256 32.59 39.57 -18.09
CA PRO A 256 33.74 38.90 -17.48
C PRO A 256 34.87 39.87 -17.22
N THR A 257 35.87 39.40 -16.48
CA THR A 257 37.04 40.19 -16.15
C THR A 257 38.31 39.48 -16.58
N ILE A 258 39.37 40.26 -16.75
CA ILE A 258 40.68 39.71 -16.97
C ILE A 258 41.60 40.30 -15.92
N THR A 259 41.99 39.48 -14.95
CA THR A 259 41.58 38.08 -14.95
C THR A 259 41.35 37.64 -13.52
N VAL A 260 41.01 36.36 -13.39
CA VAL A 260 40.85 35.65 -12.14
C VAL A 260 42.19 35.64 -11.39
N PRO A 261 42.19 35.70 -10.06
CA PRO A 261 43.42 35.41 -9.31
C PRO A 261 43.81 33.95 -9.44
N GLU A 262 44.90 33.55 -8.81
CA GLU A 262 45.39 32.18 -8.97
C GLU A 262 44.36 31.15 -8.51
N GLU A 263 43.46 31.53 -7.61
CA GLU A 263 42.64 30.55 -6.90
C GLU A 263 41.49 30.04 -7.74
N PHE A 264 40.74 30.93 -8.39
CA PHE A 264 39.52 30.52 -9.08
C PHE A 264 39.75 30.12 -10.53
N ALA A 265 40.99 30.12 -10.99
CA ALA A 265 41.25 29.90 -12.42
C ALA A 265 40.58 28.63 -12.92
N SER A 266 40.44 27.61 -12.07
CA SER A 266 39.91 26.35 -12.53
C SER A 266 38.43 26.42 -12.87
N HIS A 267 37.74 27.49 -12.48
CA HIS A 267 36.31 27.57 -12.63
C HIS A 267 35.83 28.60 -13.62
N VAL A 268 36.75 29.29 -14.31
CA VAL A 268 36.35 30.19 -15.38
C VAL A 268 35.61 29.43 -16.46
N ALA A 269 36.03 28.19 -16.73
CA ALA A 269 35.30 27.37 -17.69
C ALA A 269 33.84 27.31 -17.31
N ASN A 270 33.55 26.97 -16.07
CA ASN A 270 32.16 26.86 -15.64
C ASN A 270 31.54 28.23 -15.42
N PHE A 271 32.27 29.17 -14.81
CA PHE A 271 31.75 30.51 -14.63
C PHE A 271 31.19 31.06 -15.94
N GLN A 272 31.83 30.71 -17.04
CA GLN A 272 31.35 31.21 -18.32
C GLN A 272 30.04 30.55 -18.72
N LYS A 273 29.91 29.25 -18.50
CA LYS A 273 28.68 28.55 -18.85
C LYS A 273 27.48 29.22 -18.21
N SER A 274 27.63 29.65 -16.96
CA SER A 274 26.58 30.31 -16.22
C SER A 274 26.12 31.59 -16.91
N GLY A 275 26.69 31.91 -18.04
CA GLY A 275 26.34 33.13 -18.71
C GLY A 275 25.72 32.90 -20.07
N TYR A 276 25.67 31.64 -20.50
CA TYR A 276 25.14 31.31 -21.81
C TYR A 276 23.78 30.66 -21.74
N SER A 277 23.15 30.63 -20.57
CA SER A 277 21.83 30.06 -20.40
C SER A 277 21.11 30.84 -19.32
N LYS A 278 19.79 30.79 -19.34
CA LYS A 278 19.03 31.51 -18.34
C LYS A 278 19.29 30.92 -16.96
N TYR A 279 19.36 29.61 -16.87
CA TYR A 279 19.65 28.97 -15.60
C TYR A 279 20.56 27.77 -15.79
N VAL A 280 21.48 27.61 -14.87
CA VAL A 280 22.46 26.54 -14.88
C VAL A 280 22.33 25.78 -13.58
N THR A 281 22.60 24.48 -13.62
CA THR A 281 22.43 23.60 -12.47
C THR A 281 23.78 22.96 -12.12
N VAL A 282 24.19 23.09 -10.87
CA VAL A 282 25.52 22.72 -10.39
C VAL A 282 25.39 21.68 -9.30
N GLN A 283 25.99 20.52 -9.51
CA GLN A 283 26.05 19.46 -8.50
C GLN A 283 27.35 19.55 -7.75
N GLY A 284 27.30 19.37 -6.43
CA GLY A 284 28.49 19.49 -5.63
C GLY A 284 28.50 18.55 -4.45
N PRO A 285 29.15 17.41 -4.60
CA PRO A 285 29.26 16.47 -3.50
C PRO A 285 30.02 17.11 -2.35
N PRO A 286 29.97 16.52 -1.16
CA PRO A 286 30.60 17.16 -0.02
C PRO A 286 32.08 17.35 -0.26
N GLY A 287 32.64 18.40 0.33
CA GLY A 287 34.06 18.67 0.22
C GLY A 287 34.53 19.24 -1.09
N THR A 288 33.74 19.15 -2.15
CA THR A 288 34.15 19.73 -3.42
C THR A 288 34.06 21.23 -3.43
N GLY A 289 33.81 21.85 -2.29
CA GLY A 289 33.86 23.30 -2.17
C GLY A 289 32.91 24.04 -3.07
N LYS A 290 31.63 24.01 -2.74
CA LYS A 290 30.67 24.72 -3.57
C LYS A 290 30.61 26.18 -3.19
N SER A 291 30.71 26.49 -1.89
CA SER A 291 30.76 27.88 -1.48
C SER A 291 31.89 28.63 -2.16
N HIS A 292 32.99 27.95 -2.41
CA HIS A 292 34.07 28.56 -3.16
C HIS A 292 33.60 28.93 -4.56
N PHE A 293 33.00 27.97 -5.25
CA PHE A 293 32.49 28.22 -6.59
C PHE A 293 31.49 29.35 -6.60
N ALA A 294 30.67 29.48 -5.56
CA ALA A 294 29.57 30.43 -5.59
C ALA A 294 30.06 31.84 -5.43
N ILE A 295 30.97 32.07 -4.49
CA ILE A 295 31.58 33.39 -4.43
C ILE A 295 32.48 33.58 -5.64
N GLY A 296 32.98 32.49 -6.21
CA GLY A 296 33.84 32.62 -7.38
C GLY A 296 33.17 33.34 -8.51
N LEU A 297 31.84 33.22 -8.62
CA LEU A 297 31.11 33.91 -9.65
C LEU A 297 31.24 35.41 -9.49
N ALA A 298 30.92 35.92 -8.31
CA ALA A 298 30.96 37.35 -8.07
C ALA A 298 32.36 37.91 -8.26
N ILE A 299 33.39 37.09 -8.18
CA ILE A 299 34.72 37.60 -8.51
C ILE A 299 34.89 37.65 -10.00
N TYR A 300 34.44 36.61 -10.70
CA TYR A 300 34.63 36.60 -12.15
C TYR A 300 33.74 37.61 -12.85
N TYR A 301 32.63 38.02 -12.25
CA TYR A 301 31.75 39.04 -12.80
C TYR A 301 31.60 40.19 -11.80
N PRO A 302 32.68 40.90 -11.51
CA PRO A 302 32.65 41.86 -10.40
C PRO A 302 31.65 42.96 -10.57
N THR A 303 31.30 43.28 -11.81
CA THR A 303 30.35 44.35 -12.05
C THR A 303 28.93 43.93 -11.73
N ALA A 304 28.70 42.62 -11.60
CA ALA A 304 27.35 42.11 -11.51
C ALA A 304 26.83 42.20 -10.10
N ARG A 305 25.53 42.42 -10.00
CA ARG A 305 24.82 42.31 -8.74
C ARG A 305 24.39 40.85 -8.59
N VAL A 306 24.83 40.19 -7.53
CA VAL A 306 24.45 38.82 -7.28
C VAL A 306 23.74 38.73 -5.95
N VAL A 307 22.73 37.88 -5.90
CA VAL A 307 21.93 37.66 -4.70
C VAL A 307 22.07 36.19 -4.33
N TYR A 308 22.62 35.93 -3.16
CA TYR A 308 22.87 34.58 -2.68
C TYR A 308 21.72 34.16 -1.78
N THR A 309 21.16 32.99 -2.04
CA THR A 309 20.04 32.58 -1.20
C THR A 309 20.04 31.07 -1.04
N ALA A 310 19.41 30.62 0.04
CA ALA A 310 19.31 29.22 0.40
C ALA A 310 18.22 29.08 1.43
N CYS A 311 18.16 27.94 2.09
CA CYS A 311 17.06 27.66 3.01
C CYS A 311 17.46 27.91 4.45
N SER A 312 18.46 27.18 4.93
CA SER A 312 18.91 27.39 6.30
C SER A 312 19.60 28.72 6.45
N HIS A 313 19.28 29.44 7.52
CA HIS A 313 20.14 30.52 7.96
C HIS A 313 21.57 30.05 8.08
N ALA A 314 21.78 28.76 8.32
CA ALA A 314 23.13 28.23 8.39
C ALA A 314 23.80 28.22 7.02
N ALA A 315 23.07 27.81 5.99
CA ALA A 315 23.64 27.85 4.64
C ALA A 315 23.91 29.29 4.22
N VAL A 316 22.94 30.17 4.40
CA VAL A 316 23.13 31.56 4.01
C VAL A 316 24.31 32.17 4.76
N ASP A 317 24.48 31.80 6.03
CA ASP A 317 25.65 32.27 6.76
C ASP A 317 26.93 31.63 6.23
N ALA A 318 26.85 30.41 5.72
CA ALA A 318 28.03 29.79 5.13
C ALA A 318 28.49 30.57 3.92
N LEU A 319 27.56 31.14 3.16
CA LEU A 319 27.94 31.99 2.04
C LEU A 319 28.48 33.33 2.51
N CYS A 320 27.85 33.93 3.53
CA CYS A 320 28.36 35.19 4.05
C CYS A 320 29.81 35.08 4.48
N GLU A 321 30.18 33.96 5.10
CA GLU A 321 31.54 33.80 5.61
C GLU A 321 32.53 33.66 4.47
N LYS A 322 32.31 32.71 3.56
CA LYS A 322 33.18 32.59 2.41
C LYS A 322 33.25 33.89 1.64
N ALA A 323 32.19 34.69 1.69
CA ALA A 323 32.18 35.97 1.01
C ALA A 323 32.96 37.03 1.79
N PHE A 324 33.00 36.91 3.11
CA PHE A 324 33.66 37.92 3.92
C PHE A 324 35.13 38.03 3.55
N LYS A 325 35.79 36.91 3.31
CA LYS A 325 37.22 36.96 3.05
C LYS A 325 37.56 37.11 1.58
N TYR A 326 36.57 37.13 0.69
CA TYR A 326 36.85 37.28 -0.73
C TYR A 326 36.20 38.50 -1.36
N LEU A 327 35.32 39.20 -0.65
CA LEU A 327 34.51 40.23 -1.28
C LEU A 327 34.55 41.52 -0.49
N ASN A 328 34.34 42.62 -1.21
CA ASN A 328 34.48 43.95 -0.62
C ASN A 328 33.26 44.24 0.23
N ILE A 329 33.38 44.02 1.53
CA ILE A 329 32.26 44.04 2.47
C ILE A 329 31.47 45.35 2.42
N ALA A 330 31.95 46.33 1.66
CA ALA A 330 31.30 47.63 1.64
C ALA A 330 29.88 47.55 1.09
N LYS A 331 29.68 46.83 -0.02
CA LYS A 331 28.36 46.71 -0.62
C LYS A 331 27.80 45.30 -0.46
N CYS A 332 28.05 44.70 0.70
CA CYS A 332 27.40 43.47 1.11
C CYS A 332 26.35 43.80 2.14
N SER A 333 25.25 43.07 2.13
CA SER A 333 24.21 43.25 3.12
C SER A 333 23.61 41.90 3.46
N ARG A 334 23.32 41.71 4.74
CA ARG A 334 22.61 40.54 5.21
C ARG A 334 21.17 40.94 5.46
N ILE A 335 20.24 40.24 4.82
CA ILE A 335 18.82 40.59 4.91
C ILE A 335 18.21 39.76 6.04
N ILE A 336 18.08 40.37 7.21
CA ILE A 336 17.45 39.72 8.35
C ILE A 336 16.00 40.16 8.35
N PRO A 337 15.06 39.24 8.52
CA PRO A 337 13.65 39.64 8.50
C PRO A 337 13.30 40.57 9.64
N ALA A 338 12.06 41.05 9.69
CA ALA A 338 11.63 41.86 10.82
C ALA A 338 11.70 41.05 12.11
N LYS A 339 11.13 39.84 12.10
CA LYS A 339 11.17 38.96 13.26
C LYS A 339 12.50 38.21 13.26
N ALA A 340 13.45 38.69 14.06
CA ALA A 340 14.78 38.11 14.14
C ALA A 340 14.84 37.17 15.34
N ARG A 341 14.84 35.87 15.08
CA ARG A 341 14.89 34.87 16.13
C ARG A 341 16.24 34.22 16.30
N VAL A 342 16.90 33.83 15.21
CA VAL A 342 18.24 33.27 15.27
C VAL A 342 19.25 34.40 15.12
N GLU A 343 20.31 34.35 15.93
CA GLU A 343 21.44 35.24 15.75
C GLU A 343 22.22 34.78 14.52
N CYS A 344 22.31 35.64 13.51
CA CYS A 344 22.84 35.29 12.21
C CYS A 344 24.22 35.93 12.03
N TYR A 345 24.55 36.32 10.81
CA TYR A 345 25.79 37.03 10.58
C TYR A 345 25.69 38.44 11.15
N ASP A 346 26.84 39.01 11.49
CA ASP A 346 26.90 40.33 12.10
C ASP A 346 27.82 41.29 11.37
N ARG A 347 28.82 40.80 10.66
CA ARG A 347 29.82 41.69 10.08
C ARG A 347 29.31 42.45 8.87
N PHE A 348 28.28 41.96 8.19
CA PHE A 348 27.72 42.68 7.07
C PHE A 348 26.61 43.60 7.53
N LYS A 349 26.37 44.64 6.75
CA LYS A 349 25.27 45.54 7.02
C LYS A 349 23.95 44.79 6.93
N VAL A 350 22.90 45.42 7.46
CA VAL A 350 21.61 44.77 7.64
C VAL A 350 20.55 45.55 6.88
N ASN A 351 19.80 44.85 6.02
CA ASN A 351 18.59 45.36 5.41
C ASN A 351 18.83 46.53 4.47
N GLU A 352 20.01 46.61 3.85
CA GLU A 352 20.27 47.67 2.89
C GLU A 352 19.99 47.12 1.50
N THR A 353 18.71 47.09 1.17
CA THR A 353 18.21 46.38 0.01
C THR A 353 18.75 46.88 -1.32
N ASN A 354 19.75 47.73 -1.28
CA ASN A 354 20.30 48.29 -2.49
C ASN A 354 21.71 47.83 -2.78
N SER A 355 22.36 47.16 -1.85
CA SER A 355 23.78 46.90 -1.99
C SER A 355 24.02 45.93 -3.14
N GLN A 356 25.26 45.92 -3.62
CA GLN A 356 25.59 45.08 -4.76
C GLN A 356 25.47 43.62 -4.43
N TYR A 357 25.65 43.26 -3.17
CA TYR A 357 25.68 41.87 -2.76
C TYR A 357 24.67 41.67 -1.64
N LEU A 358 23.73 40.77 -1.85
CA LEU A 358 22.66 40.49 -0.90
C LEU A 358 22.72 39.04 -0.46
N PHE A 359 22.49 38.82 0.82
CA PHE A 359 22.45 37.48 1.39
C PHE A 359 21.16 37.32 2.19
N SER A 360 20.43 36.25 1.94
CA SER A 360 19.12 36.17 2.55
C SER A 360 18.60 34.76 2.48
N THR A 361 17.85 34.40 3.52
CA THR A 361 16.97 33.25 3.46
C THR A 361 15.98 33.44 2.33
N ILE A 362 15.50 32.33 1.77
CA ILE A 362 14.49 32.42 0.74
C ILE A 362 13.29 33.19 1.25
N ASN A 363 12.80 32.83 2.42
CA ASN A 363 11.61 33.47 2.97
C ASN A 363 11.82 34.97 3.16
N ALA A 364 13.03 35.39 3.46
CA ALA A 364 13.30 36.80 3.69
C ALA A 364 13.72 37.55 2.46
N LEU A 365 13.79 36.88 1.32
CA LEU A 365 14.06 37.54 0.05
C LEU A 365 13.18 38.78 -0.09
N PRO A 366 13.75 39.92 -0.46
CA PRO A 366 12.95 41.08 -0.85
C PRO A 366 12.70 41.08 -2.35
N GLU A 367 11.69 41.82 -2.75
CA GLU A 367 11.40 41.94 -4.17
C GLU A 367 12.46 42.84 -4.78
N THR A 368 13.35 42.26 -5.58
CA THR A 368 14.37 43.06 -6.22
C THR A 368 14.82 42.32 -7.47
N SER A 369 16.02 42.63 -7.93
CA SER A 369 16.52 42.09 -9.16
C SER A 369 17.98 41.77 -8.98
N ALA A 370 18.50 40.95 -9.89
CA ALA A 370 19.89 40.54 -9.81
C ALA A 370 20.34 40.13 -11.20
N ASP A 371 21.65 40.17 -11.39
CA ASP A 371 22.24 39.67 -12.62
C ASP A 371 22.60 38.20 -12.49
N ILE A 372 22.98 37.78 -11.30
CA ILE A 372 23.15 36.39 -10.96
C ILE A 372 22.38 36.13 -9.68
N LEU A 373 21.60 35.06 -9.66
CA LEU A 373 20.92 34.58 -8.46
C LEU A 373 21.47 33.21 -8.17
N VAL A 374 22.01 33.03 -6.98
CA VAL A 374 22.65 31.78 -6.60
C VAL A 374 21.80 31.14 -5.53
N VAL A 375 21.33 29.93 -5.79
CA VAL A 375 20.47 29.21 -4.87
C VAL A 375 21.25 28.00 -4.38
N ASP A 376 21.66 28.04 -3.12
CA ASP A 376 22.52 27.00 -2.57
C ASP A 376 21.70 25.97 -1.83
N GLU A 377 22.23 24.76 -1.76
CA GLU A 377 21.54 23.66 -1.12
C GLU A 377 20.17 23.48 -1.75
N VAL A 378 20.17 23.32 -3.08
CA VAL A 378 18.91 23.29 -3.81
C VAL A 378 18.11 22.04 -3.50
N SER A 379 18.77 20.97 -3.10
CA SER A 379 18.02 19.75 -2.82
C SER A 379 17.07 19.96 -1.66
N MET A 380 17.42 20.83 -0.73
CA MET A 380 16.61 21.05 0.45
C MET A 380 15.48 22.02 0.21
N CYS A 381 15.17 22.31 -1.05
CA CYS A 381 14.08 23.20 -1.38
C CYS A 381 12.79 22.43 -1.54
N THR A 382 11.69 23.17 -1.61
CA THR A 382 10.39 22.65 -1.97
C THR A 382 9.89 23.46 -3.16
N ASN A 383 9.06 22.84 -4.01
CA ASN A 383 8.61 23.55 -5.18
C ASN A 383 7.95 24.86 -4.82
N TYR A 384 7.36 24.95 -3.64
CA TYR A 384 6.92 26.24 -3.13
C TYR A 384 8.09 27.20 -3.06
N ASP A 385 9.18 26.76 -2.45
CA ASP A 385 10.34 27.62 -2.28
C ASP A 385 10.83 28.15 -3.61
N LEU A 386 10.86 27.31 -4.63
CA LEU A 386 11.27 27.79 -5.93
C LEU A 386 10.34 28.88 -6.42
N SER A 387 9.05 28.59 -6.53
CA SER A 387 8.12 29.60 -7.03
C SER A 387 8.21 30.90 -6.26
N ILE A 388 8.60 30.86 -5.00
CA ILE A 388 8.75 32.11 -4.26
C ILE A 388 10.02 32.82 -4.69
N ILE A 389 11.06 32.07 -5.03
CA ILE A 389 12.29 32.68 -5.47
C ILE A 389 12.07 33.43 -6.78
N ASN A 390 11.45 32.77 -7.75
CA ASN A 390 11.18 33.38 -9.04
C ASN A 390 10.19 34.51 -8.97
N ALA A 391 9.39 34.58 -7.91
CA ALA A 391 8.46 35.67 -7.81
C ALA A 391 9.11 36.90 -7.22
N ARG A 392 10.05 36.69 -6.30
CA ARG A 392 10.71 37.81 -5.64
C ARG A 392 11.87 38.34 -6.45
N ILE A 393 12.60 37.49 -7.17
CA ILE A 393 13.85 37.85 -7.81
C ILE A 393 13.72 37.71 -9.31
N LYS A 394 13.45 38.82 -9.98
CA LYS A 394 13.70 38.88 -11.41
C LYS A 394 15.19 38.91 -11.62
N ALA A 395 15.69 38.04 -12.47
CA ALA A 395 17.13 37.91 -12.55
C ALA A 395 17.53 37.43 -13.92
N LYS A 396 18.71 37.88 -14.35
CA LYS A 396 19.20 37.53 -15.66
C LYS A 396 19.71 36.10 -15.67
N HIS A 397 20.31 35.66 -14.59
CA HIS A 397 20.83 34.32 -14.51
C HIS A 397 20.55 33.72 -13.15
N ILE A 398 20.37 32.41 -13.12
CA ILE A 398 20.13 31.70 -11.89
C ILE A 398 21.03 30.48 -11.88
N VAL A 399 21.78 30.31 -10.81
CA VAL A 399 22.70 29.19 -10.67
C VAL A 399 22.23 28.38 -9.48
N TYR A 400 21.61 27.25 -9.75
CA TYR A 400 21.21 26.33 -8.71
C TYR A 400 22.41 25.49 -8.29
N VAL A 401 22.70 25.47 -7.00
CA VAL A 401 23.85 24.77 -6.47
C VAL A 401 23.37 23.83 -5.37
N GLY A 402 23.55 22.53 -5.57
CA GLY A 402 23.11 21.57 -4.58
C GLY A 402 23.53 20.18 -4.98
N ASP A 403 22.91 19.19 -4.35
CA ASP A 403 23.30 17.81 -4.61
C ASP A 403 22.16 16.85 -4.32
N PRO A 404 21.54 16.29 -5.36
CA PRO A 404 20.44 15.36 -5.14
C PRO A 404 20.85 14.13 -4.37
N ALA A 405 22.12 13.96 -4.06
CA ALA A 405 22.51 12.82 -3.24
C ALA A 405 22.53 13.14 -1.75
N GLN A 406 22.48 14.41 -1.38
CA GLN A 406 22.50 14.74 0.03
C GLN A 406 21.08 14.83 0.56
N LEU A 407 20.84 15.70 1.48
CA LEU A 407 19.58 15.64 2.20
C LEU A 407 18.47 16.37 1.45
N PRO A 408 17.25 15.91 1.58
CA PRO A 408 16.12 16.69 1.10
C PRO A 408 15.54 17.57 2.17
N ALA A 409 14.53 18.35 1.81
CA ALA A 409 13.82 19.14 2.78
C ALA A 409 13.01 18.22 3.68
N PRO A 410 12.94 18.50 4.98
CA PRO A 410 12.13 17.65 5.87
C PRO A 410 10.67 17.89 5.54
N ARG A 411 9.95 16.83 5.26
CA ARG A 411 8.54 16.98 4.95
C ARG A 411 7.77 16.38 6.11
N THR A 412 7.52 17.20 7.11
CA THR A 412 7.06 16.69 8.39
C THR A 412 5.68 16.08 8.35
N LEU A 413 5.03 16.02 7.21
CA LEU A 413 3.75 15.34 7.12
C LEU A 413 3.89 13.94 6.56
N LEU A 414 5.02 13.62 5.99
CA LEU A 414 5.19 12.38 5.25
C LEU A 414 5.59 11.29 6.22
N THR A 415 4.76 10.27 6.33
CA THR A 415 5.10 9.16 7.21
C THR A 415 5.26 7.85 6.46
N ARG A 416 4.37 7.54 5.54
CA ARG A 416 4.44 6.30 4.80
C ARG A 416 5.03 6.60 3.43
N GLY A 417 6.29 6.24 3.23
CA GLY A 417 6.82 6.32 1.89
C GLY A 417 8.27 6.74 1.80
N THR A 418 8.87 6.53 0.65
CA THR A 418 10.23 6.96 0.38
C THR A 418 10.23 7.83 -0.87
N LEU A 419 10.70 9.07 -0.73
CA LEU A 419 10.74 10.02 -1.82
C LEU A 419 12.08 9.91 -2.52
N GLU A 420 12.06 9.55 -3.79
CA GLU A 420 13.31 9.40 -4.51
C GLU A 420 13.89 10.78 -4.77
N PRO A 421 15.21 10.89 -4.89
CA PRO A 421 15.81 12.21 -5.06
C PRO A 421 15.40 12.85 -6.34
N GLU A 422 14.97 12.10 -7.34
CA GLU A 422 14.56 12.77 -8.56
C GLU A 422 13.27 13.54 -8.40
N ASN A 423 12.65 13.56 -7.22
CA ASN A 423 11.38 14.23 -7.02
C ASN A 423 11.40 15.10 -5.78
N PHE A 424 12.55 15.67 -5.45
CA PHE A 424 12.61 16.66 -4.40
C PHE A 424 12.02 17.98 -4.87
N ASN A 425 12.67 18.61 -5.85
CA ASN A 425 12.24 19.85 -6.49
C ASN A 425 11.96 19.60 -7.95
N SER A 426 11.55 20.65 -8.64
CA SER A 426 11.64 20.61 -10.08
C SER A 426 13.09 20.66 -10.51
N VAL A 427 14.00 21.07 -9.64
CA VAL A 427 15.39 21.23 -10.03
C VAL A 427 16.15 19.93 -9.90
N THR A 428 15.94 19.17 -8.83
CA THR A 428 16.58 17.88 -8.80
C THR A 428 16.00 16.94 -9.83
N ARG A 429 14.76 17.16 -10.26
CA ARG A 429 14.23 16.34 -11.34
C ARG A 429 15.06 16.52 -12.59
N LEU A 430 15.53 17.74 -12.82
CA LEU A 430 16.40 18.00 -13.97
C LEU A 430 17.76 17.38 -13.75
N MET A 431 18.38 17.65 -12.61
CA MET A 431 19.71 17.14 -12.34
C MET A 431 19.77 15.64 -12.46
N CYS A 432 18.70 14.94 -12.11
CA CYS A 432 18.79 13.50 -12.11
C CYS A 432 18.58 12.92 -13.50
N ASN A 433 17.63 13.45 -14.27
CA ASN A 433 17.39 12.88 -15.58
C ASN A 433 18.33 13.43 -16.62
N LEU A 434 18.38 14.75 -16.78
CA LEU A 434 19.27 15.33 -17.77
C LEU A 434 20.71 15.31 -17.33
N GLY A 435 20.95 15.27 -16.03
CA GLY A 435 22.27 15.43 -15.49
C GLY A 435 22.48 16.87 -15.09
N PRO A 436 23.55 17.14 -14.37
CA PRO A 436 23.87 18.51 -14.01
C PRO A 436 24.51 19.22 -15.18
N ASP A 437 24.51 20.54 -15.10
CA ASP A 437 25.26 21.30 -16.08
C ASP A 437 26.71 21.41 -15.65
N ILE A 438 26.93 21.90 -14.47
CA ILE A 438 28.24 21.91 -13.86
C ILE A 438 28.27 20.77 -12.86
N PHE A 439 29.44 20.15 -12.69
CA PHE A 439 29.66 19.10 -11.71
C PHE A 439 30.98 19.39 -11.05
N LEU A 440 31.02 19.34 -9.72
CA LEU A 440 32.23 19.60 -8.96
C LEU A 440 32.84 18.25 -8.61
N SER A 441 33.84 17.85 -9.38
CA SER A 441 34.30 16.47 -9.39
C SER A 441 35.50 16.19 -8.50
N MET A 442 36.14 17.21 -7.94
CA MET A 442 37.30 16.99 -7.08
C MET A 442 36.91 17.18 -5.61
N CYS A 443 37.05 16.12 -4.83
CA CYS A 443 36.73 16.11 -3.41
C CYS A 443 37.99 16.40 -2.60
N TYR A 444 37.96 17.45 -1.80
CA TYR A 444 39.13 17.90 -1.05
C TYR A 444 39.09 17.55 0.43
N ARG A 445 38.14 16.74 0.87
CA ARG A 445 37.95 16.52 2.29
C ARG A 445 38.21 15.09 2.74
N CYS A 446 38.01 14.13 1.88
CA CYS A 446 37.87 12.79 2.39
C CYS A 446 39.03 11.88 1.97
N PRO A 447 39.33 10.86 2.77
CA PRO A 447 40.29 9.85 2.35
C PRO A 447 39.79 9.09 1.14
N LYS A 448 40.74 8.73 0.26
CA LYS A 448 40.38 8.11 -1.00
C LYS A 448 39.54 6.87 -0.82
N GLU A 449 39.62 6.21 0.33
CA GLU A 449 38.78 5.04 0.54
C GLU A 449 37.31 5.41 0.46
N ILE A 450 36.88 6.38 1.26
CA ILE A 450 35.45 6.63 1.34
C ILE A 450 34.93 7.37 0.11
N VAL A 451 35.77 8.18 -0.56
CA VAL A 451 35.26 8.89 -1.73
C VAL A 451 35.02 7.92 -2.87
N SER A 452 35.90 6.95 -3.06
CA SER A 452 35.64 5.99 -4.12
C SER A 452 34.40 5.15 -3.83
N THR A 453 34.01 5.00 -2.58
CA THR A 453 32.81 4.24 -2.26
C THR A 453 31.55 5.01 -2.61
N VAL A 454 31.54 6.32 -2.32
CA VAL A 454 30.39 7.11 -2.72
C VAL A 454 30.44 7.39 -4.21
N SER A 455 31.61 7.71 -4.75
CA SER A 455 31.72 8.06 -6.16
C SER A 455 31.16 6.96 -7.05
N ALA A 456 31.23 5.71 -6.59
CA ALA A 456 30.63 4.60 -7.31
C ALA A 456 29.26 4.22 -6.76
N LEU A 457 28.86 4.77 -5.62
CA LEU A 457 27.55 4.42 -5.10
C LEU A 457 26.46 5.36 -5.58
N VAL A 458 26.73 6.66 -5.64
CA VAL A 458 25.67 7.62 -5.94
C VAL A 458 26.10 8.60 -7.01
N TYR A 459 27.38 8.60 -7.36
CA TYR A 459 27.89 9.60 -8.28
C TYR A 459 28.38 9.02 -9.59
N ASN A 460 28.16 7.72 -9.82
CA ASN A 460 28.55 7.09 -11.08
C ASN A 460 30.00 7.40 -11.42
N ASN A 461 30.87 7.35 -10.42
CA ASN A 461 32.31 7.48 -10.60
C ASN A 461 32.67 8.72 -11.41
N LYS A 462 31.96 9.81 -11.17
CA LYS A 462 32.44 11.09 -11.66
C LYS A 462 33.28 11.82 -10.63
N LEU A 463 33.22 11.40 -9.38
CA LEU A 463 33.87 12.11 -8.29
C LEU A 463 35.27 11.58 -8.07
N LEU A 464 36.22 12.48 -7.88
CA LEU A 464 37.61 12.13 -7.73
C LEU A 464 38.10 12.46 -6.33
N ALA A 465 39.32 12.02 -6.06
CA ALA A 465 39.95 12.19 -4.76
C ALA A 465 41.18 13.04 -4.90
N LYS A 466 41.44 13.87 -3.90
CA LYS A 466 42.71 14.56 -3.77
C LYS A 466 43.58 13.92 -2.69
N LYS A 467 43.02 13.64 -1.53
CA LYS A 467 43.74 12.87 -0.53
C LYS A 467 43.92 11.45 -1.03
N GLU A 468 45.03 10.84 -0.63
CA GLU A 468 45.23 9.45 -0.96
C GLU A 468 44.69 8.59 0.17
N LEU A 469 44.84 7.28 0.03
CA LEU A 469 44.29 6.32 0.97
C LEU A 469 44.78 6.61 2.37
N SER A 470 44.01 6.17 3.37
CA SER A 470 44.36 6.40 4.75
C SER A 470 44.52 5.14 5.57
N GLY A 471 43.98 4.02 5.12
CA GLY A 471 44.10 2.78 5.85
C GLY A 471 43.12 2.67 6.99
N GLN A 472 42.87 3.79 7.68
CA GLN A 472 41.97 3.81 8.82
C GLN A 472 40.49 3.75 8.44
N CYS A 473 40.15 2.93 7.45
CA CYS A 473 38.77 2.76 7.02
C CYS A 473 38.39 1.30 7.23
N PHE A 474 37.38 1.06 8.07
CA PHE A 474 37.13 -0.27 8.57
C PHE A 474 35.65 -0.62 8.43
N LYS A 475 35.34 -1.88 8.69
CA LYS A 475 34.13 -2.51 8.18
C LYS A 475 33.80 -3.77 8.96
N ILE A 476 32.57 -3.90 9.46
CA ILE A 476 32.20 -5.13 10.16
C ILE A 476 30.70 -5.35 10.03
N LEU A 477 30.33 -6.61 9.81
CA LEU A 477 28.93 -7.02 9.74
C LEU A 477 28.51 -7.58 11.09
N TYR A 478 28.20 -6.68 12.01
CA TYR A 478 27.68 -7.05 13.32
C TYR A 478 26.21 -6.66 13.36
N LYS A 479 25.33 -7.66 13.37
CA LYS A 479 23.90 -7.37 13.38
C LYS A 479 23.46 -6.78 14.70
N GLY A 480 23.59 -7.54 15.78
CA GLY A 480 23.13 -7.08 17.07
C GLY A 480 21.63 -7.07 17.16
N ASN A 481 21.07 -7.01 18.37
CA ASN A 481 19.63 -6.98 18.53
C ASN A 481 19.16 -5.56 18.73
N VAL A 482 17.93 -5.29 18.29
CA VAL A 482 17.37 -3.95 18.39
C VAL A 482 16.24 -3.97 19.41
N THR A 483 16.09 -2.85 20.11
CA THR A 483 15.07 -2.71 21.14
C THR A 483 14.49 -1.31 21.05
N HIS A 484 13.17 -1.21 21.19
CA HIS A 484 12.46 0.06 21.04
C HIS A 484 11.88 0.47 22.38
N ASP A 485 12.72 1.04 23.24
CA ASP A 485 12.20 1.78 24.37
C ASP A 485 11.62 3.10 23.89
N ALA A 486 12.39 3.82 23.09
CA ALA A 486 11.89 4.94 22.31
C ALA A 486 11.54 4.44 20.91
N SER A 487 10.57 5.12 20.29
CA SER A 487 10.05 4.65 19.02
C SER A 487 11.16 4.47 17.99
N SER A 488 11.96 5.51 17.77
CA SER A 488 13.17 5.34 16.99
C SER A 488 14.06 4.30 17.68
N ALA A 489 14.68 3.45 16.88
CA ALA A 489 15.23 2.20 17.37
C ALA A 489 16.50 2.41 18.19
N ILE A 490 16.91 1.34 18.87
CA ILE A 490 18.13 1.28 19.68
C ILE A 490 18.75 -0.10 19.48
N ASN A 491 20.07 -0.16 19.42
CA ASN A 491 20.77 -1.44 19.35
C ASN A 491 22.05 -1.34 20.19
N ARG A 492 21.95 -1.74 21.45
CA ARG A 492 23.09 -1.80 22.35
C ARG A 492 24.10 -2.86 21.92
N PRO A 493 23.68 -4.07 21.52
CA PRO A 493 24.67 -5.11 21.18
C PRO A 493 25.77 -4.69 20.23
N GLN A 494 25.56 -3.69 19.38
CA GLN A 494 26.65 -3.26 18.53
C GLN A 494 27.37 -2.04 19.05
N LEU A 495 26.70 -1.21 19.84
CA LEU A 495 27.43 -0.17 20.56
C LEU A 495 28.45 -0.81 21.48
N THR A 496 28.10 -1.93 22.10
CA THR A 496 29.05 -2.60 22.98
C THR A 496 30.30 -3.00 22.21
N PHE A 497 30.15 -3.36 20.93
CA PHE A 497 31.32 -3.61 20.11
C PHE A 497 32.18 -2.36 20.00
N VAL A 498 31.54 -1.21 19.85
CA VAL A 498 32.29 0.03 19.73
C VAL A 498 33.11 0.28 20.99
N LYS A 499 32.49 0.10 22.16
CA LYS A 499 33.19 0.32 23.41
C LYS A 499 34.46 -0.50 23.47
N ASN A 500 34.37 -1.80 23.20
CA ASN A 500 35.56 -2.62 23.15
C ASN A 500 36.52 -2.13 22.06
N PHE A 501 35.98 -1.69 20.93
CA PHE A 501 36.84 -1.16 19.88
C PHE A 501 37.61 0.04 20.42
N ILE A 502 36.89 1.06 20.87
CA ILE A 502 37.54 2.30 21.28
C ILE A 502 38.43 2.06 22.48
N THR A 503 37.98 1.23 23.43
CA THR A 503 38.80 0.98 24.61
C THR A 503 40.08 0.23 24.22
N ALA A 504 40.00 -0.63 23.21
CA ALA A 504 41.19 -1.27 22.66
C ALA A 504 41.74 -0.48 21.50
N ASN A 505 41.78 0.84 21.61
CA ASN A 505 42.19 1.69 20.49
C ASN A 505 42.55 3.07 21.04
N PRO A 506 43.22 3.90 20.24
CA PRO A 506 43.91 5.07 20.81
C PRO A 506 43.23 6.41 20.57
N ALA A 507 43.57 7.04 19.45
CA ALA A 507 43.06 8.37 19.17
C ALA A 507 41.56 8.36 18.93
N TRP A 508 41.02 7.23 18.45
CA TRP A 508 39.60 7.11 18.15
C TRP A 508 38.70 7.62 19.27
N SER A 509 39.26 7.92 20.45
CA SER A 509 38.43 8.45 21.51
C SER A 509 37.85 9.79 21.13
N LYS A 510 38.55 10.58 20.32
CA LYS A 510 38.02 11.84 19.83
C LYS A 510 37.16 11.66 18.59
N ALA A 511 36.62 10.47 18.37
CA ALA A 511 35.77 10.24 17.21
C ALA A 511 34.42 10.90 17.43
N VAL A 512 33.59 10.86 16.39
CA VAL A 512 32.24 11.42 16.43
C VAL A 512 31.26 10.34 16.04
N PHE A 513 30.17 10.23 16.80
CA PHE A 513 29.21 9.17 16.62
C PHE A 513 28.09 9.64 15.71
N ILE A 514 27.75 8.83 14.72
CA ILE A 514 26.72 9.16 13.75
C ILE A 514 25.89 7.92 13.50
N SER A 515 24.63 7.94 13.91
CA SER A 515 23.73 6.83 13.66
C SER A 515 22.49 7.34 12.95
N PRO A 516 21.83 6.51 12.15
CA PRO A 516 20.59 6.94 11.51
C PRO A 516 19.49 7.26 12.49
N TYR A 517 19.64 6.96 13.77
CA TYR A 517 18.51 7.06 14.67
C TYR A 517 18.77 8.03 15.81
N ASN A 518 17.73 8.79 16.14
CA ASN A 518 17.84 9.83 17.14
C ASN A 518 18.02 9.27 18.54
N SER A 519 17.56 8.05 18.78
CA SER A 519 17.69 7.41 20.08
C SER A 519 19.04 6.72 20.25
N GLN A 520 19.50 6.00 19.22
CA GLN A 520 20.75 5.26 19.33
C GLN A 520 21.89 6.17 19.71
N ASN A 521 21.90 7.40 19.21
CA ASN A 521 22.89 8.35 19.67
C ASN A 521 22.79 8.55 21.16
N ALA A 522 21.58 8.82 21.64
CA ALA A 522 21.39 9.11 23.05
C ALA A 522 22.01 8.05 23.94
N VAL A 523 21.75 6.77 23.64
CA VAL A 523 22.32 5.74 24.49
C VAL A 523 23.81 5.64 24.27
N SER A 524 24.29 5.87 23.04
CA SER A 524 25.72 5.98 22.85
C SER A 524 26.32 7.05 23.75
N ARG A 525 25.54 8.07 24.11
CA ARG A 525 26.02 9.01 25.11
C ARG A 525 26.21 8.33 26.45
N SER A 526 25.42 7.30 26.74
CA SER A 526 25.60 6.57 27.99
C SER A 526 26.80 5.65 27.91
N MET A 527 26.84 4.79 26.90
CA MET A 527 27.76 3.67 26.92
C MET A 527 29.16 4.02 26.42
N LEU A 528 29.31 5.04 25.60
CA LEU A 528 30.65 5.40 25.15
C LEU A 528 30.95 6.89 25.23
N GLY A 529 29.98 7.73 25.54
CA GLY A 529 30.22 9.13 25.84
C GLY A 529 31.10 9.85 24.84
N LEU A 530 30.73 9.81 23.57
CA LEU A 530 31.44 10.53 22.53
C LEU A 530 30.64 11.75 22.12
N THR A 531 31.27 12.63 21.36
CA THR A 531 30.52 13.66 20.69
C THR A 531 29.62 13.01 19.64
N THR A 532 28.34 13.36 19.67
CA THR A 532 27.36 12.74 18.81
C THR A 532 26.71 13.78 17.91
N GLN A 533 26.39 13.36 16.69
CA GLN A 533 25.71 14.23 15.74
C GLN A 533 24.83 13.37 14.85
N THR A 534 23.58 13.78 14.68
CA THR A 534 22.72 13.13 13.70
C THR A 534 23.23 13.43 12.31
N VAL A 535 22.92 12.53 11.39
CA VAL A 535 23.31 12.75 10.00
C VAL A 535 22.80 14.09 9.52
N ASP A 536 21.61 14.49 9.97
CA ASP A 536 21.14 15.82 9.65
C ASP A 536 22.04 16.88 10.27
N SER A 537 22.24 16.81 11.58
CA SER A 537 23.04 17.82 12.25
C SER A 537 24.52 17.62 12.01
N SER A 538 24.89 17.21 10.80
CA SER A 538 26.30 17.07 10.46
C SER A 538 26.66 17.62 9.09
N GLN A 539 25.72 17.81 8.19
CA GLN A 539 26.04 18.52 6.96
C GLN A 539 26.66 19.85 7.31
N GLY A 540 27.67 20.23 6.54
CA GLY A 540 28.39 21.45 6.83
C GLY A 540 29.64 21.17 7.64
N SER A 541 29.49 20.58 8.82
CA SER A 541 30.64 20.29 9.65
C SER A 541 31.42 19.12 9.09
N GLU A 542 32.72 19.13 9.35
CA GLU A 542 33.57 18.01 8.99
C GLU A 542 34.36 17.58 10.22
N TYR A 543 34.43 16.26 10.41
CA TYR A 543 35.08 15.68 11.57
C TYR A 543 36.22 14.80 11.08
N GLN A 544 37.21 14.60 11.93
CA GLN A 544 38.40 13.85 11.56
C GLN A 544 38.35 12.37 11.91
N TYR A 545 37.40 11.95 12.74
CA TYR A 545 37.18 10.54 12.96
C TYR A 545 35.70 10.30 13.22
N VAL A 546 35.09 9.41 12.45
CA VAL A 546 33.67 9.17 12.54
C VAL A 546 33.39 7.68 12.63
N ILE A 547 32.27 7.36 13.27
CA ILE A 547 31.82 5.99 13.43
C ILE A 547 30.36 5.96 13.06
N PHE A 548 30.03 5.26 11.98
CA PHE A 548 28.65 5.15 11.55
C PHE A 548 28.08 3.82 12.02
N CYS A 549 27.18 3.88 12.98
CA CYS A 549 26.56 2.69 13.55
C CYS A 549 25.12 2.65 13.06
N GLN A 550 24.89 2.02 11.91
CA GLN A 550 23.53 1.88 11.44
C GLN A 550 22.78 0.91 12.33
N THR A 551 21.52 0.67 12.04
CA THR A 551 20.74 -0.09 13.00
C THR A 551 19.46 -0.63 12.37
N ALA A 552 19.12 -1.87 12.71
CA ALA A 552 17.77 -2.41 12.64
C ALA A 552 17.25 -2.66 11.23
N ASP A 553 18.03 -2.36 10.19
CA ASP A 553 17.63 -2.65 8.81
C ASP A 553 16.36 -1.96 8.39
N THR A 554 16.00 -0.84 9.01
CA THR A 554 14.90 -0.08 8.46
C THR A 554 15.32 0.55 7.14
N ALA A 555 14.33 1.02 6.39
CA ALA A 555 14.63 1.85 5.23
C ALA A 555 15.48 3.03 5.66
N HIS A 556 14.98 3.81 6.62
CA HIS A 556 15.71 4.97 7.12
C HIS A 556 17.16 4.65 7.38
N ALA A 557 17.45 3.41 7.78
CA ALA A 557 18.83 3.05 8.07
C ALA A 557 19.60 2.72 6.81
N ASN A 558 18.94 2.14 5.82
CA ASN A 558 19.61 1.83 4.58
C ASN A 558 19.58 2.98 3.58
N ASN A 559 18.93 4.08 3.93
CA ASN A 559 18.85 5.24 3.05
C ASN A 559 20.22 5.64 2.56
N ILE A 560 20.48 5.39 1.29
CA ILE A 560 21.82 5.60 0.75
C ILE A 560 22.20 7.07 0.82
N ASN A 561 21.27 7.97 0.51
CA ASN A 561 21.59 9.39 0.54
C ASN A 561 22.08 9.81 1.92
N ARG A 562 21.33 9.48 2.97
CA ARG A 562 21.76 9.86 4.31
C ARG A 562 23.05 9.17 4.68
N PHE A 563 23.23 7.92 4.24
CA PHE A 563 24.52 7.27 4.37
C PHE A 563 25.63 8.15 3.87
N ASN A 564 25.45 8.74 2.69
CA ASN A 564 26.53 9.50 2.07
C ASN A 564 26.93 10.69 2.92
N VAL A 565 25.95 11.44 3.43
CA VAL A 565 26.28 12.64 4.19
C VAL A 565 27.02 12.28 5.46
N ALA A 566 26.68 11.14 6.06
CA ALA A 566 27.33 10.71 7.28
C ALA A 566 28.77 10.31 7.02
N ILE A 567 28.97 9.28 6.18
CA ILE A 567 30.32 8.88 5.79
C ILE A 567 31.17 10.09 5.47
N THR A 568 30.74 10.89 4.54
CA THR A 568 31.58 11.94 4.02
C THR A 568 31.83 13.02 4.99
N ARG A 569 31.48 12.91 6.27
CA ARG A 569 31.95 13.86 7.27
C ARG A 569 33.41 13.65 7.62
N ALA A 570 34.01 12.56 7.18
CA ALA A 570 35.31 12.15 7.67
C ALA A 570 36.42 12.82 6.91
N GLN A 571 37.53 13.06 7.61
CA GLN A 571 38.71 13.62 6.99
C GLN A 571 39.87 12.63 6.88
N LYS A 572 39.98 11.70 7.83
CA LYS A 572 41.08 10.74 7.80
C LYS A 572 40.58 9.31 7.98
N GLY A 573 39.83 9.05 9.04
CA GLY A 573 39.47 7.70 9.38
C GLY A 573 37.98 7.51 9.61
N ILE A 574 37.53 6.28 9.40
CA ILE A 574 36.14 5.93 9.61
C ILE A 574 36.07 4.42 9.80
N LEU A 575 35.12 4.00 10.60
CA LEU A 575 34.69 2.62 10.63
C LEU A 575 33.17 2.61 10.61
N CYS A 576 32.60 1.47 10.22
CA CYS A 576 31.16 1.35 10.13
C CYS A 576 30.76 -0.05 10.56
N VAL A 577 29.96 -0.14 11.61
CA VAL A 577 29.30 -1.38 11.94
C VAL A 577 27.99 -1.40 11.18
N MET A 578 27.79 -2.44 10.38
CA MET A 578 26.72 -2.47 9.40
C MET A 578 25.69 -3.52 9.78
N THR A 579 24.41 -3.18 9.60
CA THR A 579 23.33 -4.11 9.89
C THR A 579 22.74 -4.70 8.64
N SER A 580 23.26 -4.35 7.46
CA SER A 580 22.78 -4.88 6.19
C SER A 580 23.94 -5.55 5.48
N GLN A 581 23.75 -6.80 5.08
CA GLN A 581 24.84 -7.52 4.42
C GLN A 581 25.09 -7.01 3.02
N ALA A 582 24.10 -6.41 2.37
CA ALA A 582 24.24 -6.02 0.97
C ALA A 582 25.08 -4.74 0.84
N LEU A 583 24.69 -3.69 1.55
CA LEU A 583 25.41 -2.43 1.49
C LEU A 583 26.87 -2.61 1.90
N PHE A 584 27.13 -3.60 2.75
CA PHE A 584 28.45 -3.79 3.34
C PHE A 584 29.54 -3.88 2.28
N GLU A 585 29.39 -4.81 1.34
CA GLU A 585 30.47 -5.05 0.38
C GLU A 585 30.65 -3.90 -0.60
N SER A 586 29.87 -2.82 -0.48
CA SER A 586 30.13 -1.67 -1.34
C SER A 586 31.14 -0.72 -0.74
N LEU A 587 31.42 -0.85 0.54
CA LEU A 587 32.42 -0.01 1.20
C LEU A 587 33.80 -0.57 0.90
N GLU A 588 34.63 0.21 0.21
CA GLU A 588 36.00 -0.21 -0.08
C GLU A 588 36.87 -0.01 1.15
N PHE A 589 36.42 -0.53 2.29
CA PHE A 589 37.12 -0.43 3.55
C PHE A 589 37.61 -1.81 3.98
N THR A 590 38.69 -1.84 4.75
CA THR A 590 39.25 -3.12 5.20
C THR A 590 38.38 -3.71 6.29
N GLU A 591 38.05 -4.99 6.14
CA GLU A 591 37.08 -5.62 7.00
C GLU A 591 37.71 -6.08 8.31
N LEU A 592 36.92 -6.03 9.37
CA LEU A 592 37.28 -6.59 10.66
C LEU A 592 36.24 -7.65 11.04
N SER A 593 36.50 -8.36 12.14
CA SER A 593 35.60 -9.39 12.60
C SER A 593 35.42 -9.27 14.11
N PHE A 594 34.40 -9.97 14.62
CA PHE A 594 34.17 -9.96 16.05
C PHE A 594 35.35 -10.60 16.80
N THR A 595 35.88 -11.70 16.26
CA THR A 595 37.00 -12.37 16.90
C THR A 595 38.34 -11.69 16.65
N ASN A 596 38.38 -10.69 15.77
CA ASN A 596 39.62 -9.97 15.48
C ASN A 596 39.27 -8.52 15.13
N TYR A 597 39.16 -7.70 16.16
CA TYR A 597 39.00 -6.26 15.98
C TYR A 597 40.22 -5.51 16.49
N LYS A 598 41.39 -6.10 16.34
CA LYS A 598 42.64 -5.52 16.83
C LYS A 598 42.96 -4.17 16.19
N PRO B 2 -14.58 -40.72 22.81
CA PRO B 2 -14.20 -41.41 24.03
C PRO B 2 -12.83 -40.98 24.48
N ALA B 3 -12.06 -41.93 25.01
CA ALA B 3 -10.70 -41.67 25.42
C ALA B 3 -9.66 -42.29 24.50
N VAL B 4 -10.02 -43.34 23.80
CA VAL B 4 -9.14 -43.93 22.82
C VAL B 4 -9.77 -43.73 21.45
N GLY B 5 -8.94 -43.72 20.43
CA GLY B 5 -9.42 -43.51 19.08
C GLY B 5 -8.32 -43.86 18.12
N SER B 6 -8.53 -43.48 16.87
CA SER B 6 -7.61 -43.83 15.80
C SER B 6 -6.75 -42.65 15.41
N CYS B 7 -5.45 -42.89 15.28
CA CYS B 7 -4.51 -41.89 14.83
C CYS B 7 -5.07 -41.15 13.64
N VAL B 8 -5.18 -39.85 13.75
CA VAL B 8 -5.70 -39.02 12.67
C VAL B 8 -4.75 -39.11 11.48
N VAL B 9 -3.67 -39.88 11.63
CA VAL B 9 -2.65 -40.02 10.61
C VAL B 9 -2.49 -41.45 10.12
N CYS B 10 -2.47 -42.43 11.04
CA CYS B 10 -2.23 -43.86 10.76
C CYS B 10 -3.48 -44.68 10.69
N HIS B 11 -4.54 -44.27 11.37
CA HIS B 11 -5.62 -45.13 11.84
C HIS B 11 -5.15 -46.13 12.86
N SER B 12 -3.91 -46.06 13.30
CA SER B 12 -3.52 -46.80 14.48
C SER B 12 -4.32 -46.31 15.65
N GLN B 13 -4.60 -47.20 16.58
CA GLN B 13 -5.35 -46.86 17.77
C GLN B 13 -4.44 -46.25 18.80
N THR B 14 -4.97 -45.34 19.60
CA THR B 14 -4.14 -44.69 20.60
C THR B 14 -5.02 -44.12 21.68
N SER B 15 -4.35 -43.55 22.68
CA SER B 15 -5.00 -42.79 23.72
C SER B 15 -4.43 -41.39 23.83
N LEU B 16 -3.61 -40.98 22.90
CA LEU B 16 -2.93 -39.69 22.97
C LEU B 16 -3.56 -38.70 22.02
N ARG B 17 -3.80 -37.50 22.51
CA ARG B 17 -4.13 -36.36 21.69
C ARG B 17 -3.03 -35.32 21.84
N CYS B 18 -2.94 -34.42 20.88
CA CYS B 18 -2.00 -33.31 20.94
C CYS B 18 -2.81 -32.09 21.35
N GLY B 19 -2.58 -31.62 22.56
CA GLY B 19 -3.48 -30.67 23.17
C GLY B 19 -3.12 -29.23 22.92
N THR B 20 -2.13 -29.02 22.07
CA THR B 20 -1.89 -27.71 21.50
C THR B 20 -1.84 -27.75 19.98
N CYS B 21 -2.39 -28.79 19.35
CA CYS B 21 -2.97 -28.68 18.03
C CYS B 21 -4.45 -28.33 18.20
N ILE B 22 -4.95 -27.43 17.36
CA ILE B 22 -6.22 -26.77 17.63
C ILE B 22 -7.36 -27.76 17.68
N ARG B 23 -7.31 -28.80 16.86
CA ARG B 23 -8.40 -29.75 16.81
C ARG B 23 -8.29 -30.87 17.83
N ARG B 24 -7.16 -30.97 18.51
CA ARG B 24 -6.90 -32.03 19.47
C ARG B 24 -7.06 -33.36 18.77
N PRO B 25 -6.21 -33.69 17.83
CA PRO B 25 -6.36 -34.97 17.13
C PRO B 25 -5.67 -36.11 17.83
N PHE B 26 -6.27 -37.27 17.73
CA PHE B 26 -5.60 -38.46 18.20
C PHE B 26 -4.32 -38.66 17.43
N LEU B 27 -3.29 -39.11 18.13
CA LEU B 27 -2.02 -39.45 17.52
C LEU B 27 -1.52 -40.72 18.18
N CYS B 28 -1.05 -41.67 17.40
CA CYS B 28 -0.53 -42.88 17.98
C CYS B 28 0.83 -42.60 18.57
N CYS B 29 1.34 -43.56 19.31
CA CYS B 29 2.61 -43.37 19.98
C CYS B 29 3.70 -42.99 18.99
N LYS B 30 3.64 -43.46 17.77
CA LYS B 30 4.70 -43.14 16.84
C LYS B 30 4.45 -41.80 16.15
N CYS B 31 3.21 -41.55 15.77
CA CYS B 31 2.89 -40.24 15.21
C CYS B 31 3.01 -39.16 16.25
N CYS B 32 2.45 -39.37 17.43
CA CYS B 32 2.56 -38.36 18.47
C CYS B 32 4.01 -38.03 18.76
N TYR B 33 4.88 -39.03 18.71
CA TYR B 33 6.28 -38.76 18.87
C TYR B 33 6.74 -37.77 17.82
N ASP B 34 6.61 -38.14 16.55
CA ASP B 34 7.10 -37.28 15.48
C ASP B 34 6.47 -35.89 15.52
N HIS B 35 5.22 -35.77 15.92
CA HIS B 35 4.66 -34.44 16.06
C HIS B 35 5.36 -33.65 17.15
N VAL B 36 5.88 -34.30 18.19
CA VAL B 36 6.45 -33.49 19.26
C VAL B 36 7.94 -33.27 19.10
N ILE B 37 8.64 -34.10 18.33
CA ILE B 37 10.06 -33.87 18.11
C ILE B 37 10.28 -32.82 17.05
N ALA B 38 9.21 -32.20 16.56
CA ALA B 38 9.43 -31.29 15.43
C ALA B 38 8.50 -30.10 15.38
N THR B 39 7.76 -29.78 16.43
CA THR B 39 6.88 -28.63 16.40
C THR B 39 6.98 -27.87 17.70
N PRO B 40 6.86 -26.58 17.65
CA PRO B 40 6.80 -25.78 18.89
C PRO B 40 5.85 -26.31 19.95
N HIS B 41 5.02 -27.27 19.60
CA HIS B 41 3.97 -27.70 20.51
C HIS B 41 4.22 -29.12 20.96
N LYS B 42 4.14 -29.33 22.27
CA LYS B 42 4.46 -30.61 22.88
C LYS B 42 3.44 -31.10 23.89
N MET B 43 2.53 -30.26 24.39
CA MET B 43 1.47 -30.70 25.28
C MET B 43 0.83 -31.97 24.74
N VAL B 44 0.66 -32.97 25.60
CA VAL B 44 0.02 -34.22 25.21
C VAL B 44 -1.10 -34.50 26.19
N LEU B 45 -2.20 -35.02 25.69
CA LEU B 45 -3.41 -35.29 26.45
C LEU B 45 -3.72 -36.77 26.37
N SER B 46 -3.94 -37.39 27.53
CA SER B 46 -4.53 -38.71 27.59
C SER B 46 -5.58 -38.64 28.67
N VAL B 47 -5.85 -39.76 29.31
CA VAL B 47 -6.65 -39.78 30.52
C VAL B 47 -6.29 -38.58 31.39
N SER B 48 -5.11 -38.60 31.98
CA SER B 48 -4.62 -37.44 32.64
C SER B 48 -3.79 -36.64 31.68
N PRO B 49 -4.03 -35.34 31.60
CA PRO B 49 -3.08 -34.46 30.91
C PRO B 49 -1.68 -34.70 31.43
N TYR B 50 -0.74 -34.88 30.51
CA TYR B 50 0.63 -35.16 30.88
C TYR B 50 1.19 -33.94 31.59
N VAL B 51 0.85 -33.84 32.88
CA VAL B 51 1.37 -32.82 33.78
C VAL B 51 1.97 -33.52 34.98
N CYS B 52 2.99 -32.90 35.58
CA CYS B 52 3.66 -33.49 36.73
C CYS B 52 2.68 -33.60 37.91
N ASN B 53 2.32 -34.82 38.28
CA ASN B 53 1.29 -35.08 39.29
C ASN B 53 1.61 -34.47 40.66
N ALA B 54 2.85 -34.11 40.92
CA ALA B 54 3.16 -33.46 42.17
C ALA B 54 2.36 -32.16 42.27
N PRO B 55 1.56 -31.98 43.33
CA PRO B 55 0.75 -30.76 43.43
C PRO B 55 1.61 -29.50 43.41
N GLY B 56 0.95 -28.37 43.19
CA GLY B 56 1.66 -27.12 43.00
C GLY B 56 2.18 -27.03 41.58
N CYS B 57 3.04 -27.96 41.21
CA CYS B 57 3.50 -28.15 39.83
C CYS B 57 2.28 -28.24 38.89
N GLY B 58 2.45 -27.89 37.61
CA GLY B 58 3.70 -27.39 37.06
C GLY B 58 3.86 -27.58 35.55
N VAL B 59 5.07 -27.95 35.12
CA VAL B 59 5.38 -28.01 33.70
C VAL B 59 4.65 -29.19 33.03
N SER B 60 4.49 -29.08 31.72
CA SER B 60 3.84 -30.10 30.91
C SER B 60 4.34 -30.05 29.47
N ASP B 61 5.64 -30.09 29.26
CA ASP B 61 6.20 -30.54 27.99
C ASP B 61 6.44 -32.03 28.08
N VAL B 62 5.98 -32.77 27.07
CA VAL B 62 6.10 -34.21 27.12
C VAL B 62 7.54 -34.68 27.03
N THR B 63 8.45 -33.93 26.41
CA THR B 63 9.81 -34.43 26.29
C THR B 63 10.67 -34.04 27.47
N LYS B 64 10.09 -33.42 28.49
CA LYS B 64 10.74 -33.22 29.76
C LYS B 64 10.04 -33.92 30.90
N LEU B 65 8.82 -34.43 30.69
CA LEU B 65 8.16 -35.23 31.70
C LEU B 65 8.71 -36.64 31.69
N TYR B 66 8.68 -37.29 32.85
CA TYR B 66 9.17 -38.65 32.99
C TYR B 66 8.15 -39.48 33.74
N LEU B 67 8.14 -40.76 33.45
CA LEU B 67 7.15 -41.68 33.98
C LEU B 67 7.76 -42.33 35.22
N GLY B 68 7.43 -41.78 36.37
CA GLY B 68 7.97 -42.34 37.58
C GLY B 68 6.92 -43.06 38.36
N GLY B 69 7.14 -44.34 38.59
CA GLY B 69 6.17 -45.11 39.35
C GLY B 69 4.85 -45.02 38.63
N MET B 70 3.89 -44.37 39.27
CA MET B 70 2.52 -44.40 38.78
C MET B 70 2.00 -42.99 38.50
N SER B 71 2.90 -42.06 38.20
CA SER B 71 2.53 -40.70 37.86
C SER B 71 3.64 -40.11 37.01
N TYR B 72 3.41 -38.91 36.50
CA TYR B 72 4.34 -38.28 35.59
C TYR B 72 5.07 -37.17 36.33
N PHE B 73 6.31 -36.88 35.93
CA PHE B 73 7.11 -36.00 36.75
C PHE B 73 7.98 -35.09 35.92
N CYS B 74 8.63 -34.17 36.62
CA CYS B 74 8.91 -32.81 36.19
C CYS B 74 10.37 -32.58 35.85
N VAL B 75 11.11 -33.65 35.54
CA VAL B 75 12.58 -33.71 35.55
C VAL B 75 13.13 -32.94 36.75
N ASP B 76 12.32 -32.82 37.79
CA ASP B 76 12.69 -32.16 39.03
C ASP B 76 12.19 -33.00 40.19
N HIS B 77 10.89 -33.24 40.26
CA HIS B 77 10.37 -34.24 41.18
C HIS B 77 10.62 -35.65 40.70
N ARG B 78 11.25 -35.80 39.56
CA ARG B 78 11.59 -37.05 38.91
C ARG B 78 12.22 -38.06 39.86
N PRO B 79 11.49 -39.12 40.22
CA PRO B 79 12.12 -40.21 40.97
C PRO B 79 13.29 -40.80 40.20
N VAL B 80 14.18 -41.46 40.93
CA VAL B 80 15.51 -41.73 40.40
C VAL B 80 15.45 -42.62 39.17
N CYS B 81 14.80 -43.76 39.29
CA CYS B 81 14.61 -44.61 38.14
C CYS B 81 13.24 -44.33 37.60
N SER B 82 13.20 -43.69 36.44
CA SER B 82 11.96 -43.26 35.83
C SER B 82 12.28 -42.96 34.39
N PHE B 83 11.49 -43.45 33.53
CA PHE B 83 11.80 -43.43 32.12
C PHE B 83 11.12 -42.27 31.46
N PRO B 84 11.63 -41.77 30.35
CA PRO B 84 11.02 -40.61 29.73
C PRO B 84 9.72 -41.00 29.06
N LEU B 85 8.70 -40.17 29.23
CA LEU B 85 7.46 -40.39 28.50
C LEU B 85 7.70 -40.43 27.01
N CYS B 86 8.68 -39.70 26.53
CA CYS B 86 8.91 -39.53 25.12
C CYS B 86 10.33 -39.97 24.84
N ALA B 87 10.50 -41.13 24.23
CA ALA B 87 11.85 -41.63 24.01
C ALA B 87 11.80 -42.81 23.06
N ASN B 88 12.95 -43.05 22.40
CA ASN B 88 13.17 -44.25 21.60
C ASN B 88 12.08 -44.48 20.59
N GLY B 89 11.49 -43.41 20.10
CA GLY B 89 10.57 -43.50 18.99
C GLY B 89 9.12 -43.30 19.34
N LEU B 90 8.75 -43.27 20.62
CA LEU B 90 7.36 -43.33 21.00
C LEU B 90 7.09 -42.37 22.14
N VAL B 91 5.83 -42.00 22.28
CA VAL B 91 5.32 -41.37 23.48
C VAL B 91 4.50 -42.42 24.20
N PHE B 92 4.62 -42.48 25.51
CA PHE B 92 4.05 -43.60 26.23
C PHE B 92 2.54 -43.47 26.30
N GLY B 93 1.86 -44.49 25.82
CA GLY B 93 0.42 -44.54 25.92
C GLY B 93 -0.06 -45.91 25.51
N LEU B 94 -1.37 -46.04 25.40
CA LEU B 94 -1.96 -47.31 25.05
C LEU B 94 -1.61 -47.69 23.63
N TYR B 95 -1.82 -48.96 23.31
CA TYR B 95 -1.57 -49.51 22.00
C TYR B 95 -0.12 -49.31 21.57
N LYS B 96 0.78 -49.23 22.55
CA LYS B 96 2.18 -48.95 22.28
C LYS B 96 2.75 -49.87 21.21
N ASN B 97 2.38 -51.14 21.22
CA ASN B 97 3.04 -52.11 20.35
C ASN B 97 2.25 -52.38 19.09
N MET B 98 1.27 -51.54 18.77
CA MET B 98 0.50 -51.75 17.56
C MET B 98 0.47 -50.55 16.62
N CYS B 99 0.98 -49.40 17.05
CA CYS B 99 1.01 -48.26 16.16
C CYS B 99 2.07 -48.45 15.09
N THR B 100 1.79 -47.91 13.91
CA THR B 100 2.65 -48.07 12.74
C THR B 100 3.41 -46.82 12.38
N GLY B 101 2.87 -45.66 12.67
CA GLY B 101 3.40 -44.45 12.12
C GLY B 101 3.16 -44.41 10.64
N SER B 102 3.57 -43.32 10.02
CA SER B 102 3.48 -43.22 8.57
C SER B 102 4.49 -42.20 8.11
N PRO B 103 5.01 -42.35 6.90
CA PRO B 103 5.89 -41.31 6.36
C PRO B 103 5.17 -40.02 6.11
N SER B 104 3.86 -40.03 6.05
CA SER B 104 3.10 -38.81 5.84
C SER B 104 3.07 -37.93 7.06
N ILE B 105 3.69 -38.32 8.17
CA ILE B 105 3.66 -37.47 9.34
C ILE B 105 4.36 -36.15 9.03
N VAL B 106 5.30 -36.18 8.07
CA VAL B 106 5.98 -34.96 7.67
C VAL B 106 4.98 -33.93 7.17
N GLU B 107 3.95 -34.40 6.47
CA GLU B 107 2.91 -33.51 6.00
C GLU B 107 1.98 -33.11 7.13
N PHE B 108 1.71 -34.02 8.05
CA PHE B 108 0.85 -33.69 9.18
C PHE B 108 1.43 -32.55 9.99
N ASN B 109 2.75 -32.54 10.14
CA ASN B 109 3.39 -31.50 10.94
C ASN B 109 3.26 -30.14 10.27
N ARG B 110 3.35 -30.12 8.95
CA ARG B 110 3.09 -28.89 8.22
C ARG B 110 1.67 -28.40 8.47
N LEU B 111 0.68 -29.22 8.11
CA LEU B 111 -0.71 -28.83 8.27
C LEU B 111 -1.04 -28.45 9.71
N ALA B 112 -0.32 -28.99 10.68
CA ALA B 112 -0.72 -28.80 12.06
C ALA B 112 -0.17 -27.53 12.67
N THR B 113 0.92 -27.02 12.11
CA THR B 113 1.60 -25.84 12.63
C THR B 113 1.23 -24.57 11.90
N CYS B 114 0.92 -24.69 10.62
CA CYS B 114 0.84 -23.54 9.74
C CYS B 114 -0.24 -22.55 10.18
N ASP B 115 -0.02 -21.28 9.87
CA ASP B 115 -1.06 -20.29 9.83
C ASP B 115 -1.62 -20.26 8.42
N TRP B 116 -2.94 -20.30 8.29
CA TRP B 116 -3.55 -20.47 6.97
C TRP B 116 -3.53 -19.14 6.23
N THR B 117 -2.33 -18.71 5.90
CA THR B 117 -2.05 -17.45 5.22
C THR B 117 -1.36 -17.64 3.90
N GLU B 118 -0.33 -18.47 3.83
CA GLU B 118 0.31 -18.72 2.55
C GLU B 118 -0.56 -19.60 1.67
N SER B 119 -0.35 -19.49 0.37
CA SER B 119 -1.11 -20.33 -0.55
C SER B 119 -0.78 -21.80 -0.32
N GLY B 120 0.50 -22.12 -0.30
CA GLY B 120 0.99 -23.48 -0.26
C GLY B 120 0.46 -24.32 0.88
N ASP B 121 -0.08 -23.71 1.93
CA ASP B 121 -0.81 -24.49 2.91
C ASP B 121 -2.09 -25.03 2.28
N TYR B 122 -2.84 -24.16 1.63
CA TYR B 122 -4.03 -24.62 0.95
C TYR B 122 -3.70 -25.63 -0.14
N THR B 123 -2.52 -25.54 -0.73
CA THR B 123 -2.12 -26.52 -1.73
C THR B 123 -1.86 -27.88 -1.10
N LEU B 124 -1.18 -27.90 0.04
CA LEU B 124 -0.91 -29.18 0.68
C LEU B 124 -2.19 -29.78 1.25
N ALA B 125 -3.09 -28.94 1.76
CA ALA B 125 -4.31 -29.37 2.42
C ALA B 125 -5.26 -30.04 1.46
N ASN B 126 -4.86 -30.17 0.21
CA ASN B 126 -5.68 -30.76 -0.81
C ASN B 126 -4.98 -31.88 -1.55
N THR B 127 -3.70 -32.07 -1.31
CA THR B 127 -2.91 -33.07 -2.00
C THR B 127 -2.46 -34.22 -1.11
N THR B 128 -2.56 -34.10 0.21
CA THR B 128 -2.09 -35.13 1.13
C THR B 128 -2.92 -36.39 1.00
N THR B 129 -2.76 -37.26 1.99
CA THR B 129 -3.44 -38.52 2.01
C THR B 129 -4.88 -38.32 2.43
N GLU B 130 -5.73 -39.25 2.03
CA GLU B 130 -7.15 -39.06 2.23
C GLU B 130 -7.53 -38.82 3.68
N PRO B 131 -6.91 -39.42 4.68
CA PRO B 131 -7.28 -39.07 6.05
C PRO B 131 -6.72 -37.72 6.44
N LEU B 132 -5.58 -37.36 5.88
CA LEU B 132 -4.96 -36.10 6.23
C LEU B 132 -5.67 -34.91 5.60
N LYS B 133 -6.51 -35.14 4.58
CA LYS B 133 -7.32 -34.07 4.04
C LYS B 133 -8.36 -33.65 5.05
N LEU B 134 -8.88 -34.59 5.81
CA LEU B 134 -9.92 -34.29 6.78
C LEU B 134 -9.36 -33.65 8.04
N PHE B 135 -8.13 -33.93 8.41
CA PHE B 135 -7.54 -33.16 9.50
C PHE B 135 -7.31 -31.73 9.08
N ALA B 136 -6.84 -31.53 7.84
CA ALA B 136 -6.61 -30.18 7.35
C ALA B 136 -7.93 -29.45 7.21
N ALA B 137 -8.97 -30.15 6.82
CA ALA B 137 -10.26 -29.51 6.64
C ALA B 137 -10.93 -29.16 7.93
N GLU B 138 -10.53 -29.75 9.04
CA GLU B 138 -11.07 -29.35 10.32
C GLU B 138 -10.17 -28.33 10.99
N THR B 139 -8.88 -28.43 10.75
CA THR B 139 -7.96 -27.44 11.30
C THR B 139 -8.20 -26.08 10.69
N LEU B 140 -8.33 -26.02 9.37
CA LEU B 140 -8.61 -24.76 8.71
C LEU B 140 -9.92 -24.18 9.19
N ARG B 141 -11.01 -24.93 9.04
CA ARG B 141 -12.32 -24.46 9.45
C ARG B 141 -12.36 -24.04 10.91
N ALA B 142 -11.52 -24.62 11.76
CA ALA B 142 -11.53 -24.22 13.16
C ALA B 142 -10.78 -22.92 13.37
N THR B 143 -9.65 -22.75 12.67
CA THR B 143 -8.94 -21.49 12.72
C THR B 143 -9.81 -20.35 12.22
N GLU B 144 -10.54 -20.58 11.15
CA GLU B 144 -11.50 -19.61 10.66
C GLU B 144 -12.42 -19.21 11.80
N GLU B 145 -13.32 -20.09 12.24
CA GLU B 145 -14.35 -19.68 13.19
C GLU B 145 -13.71 -19.26 14.51
N ALA B 146 -12.38 -19.20 14.57
CA ALA B 146 -11.70 -18.67 15.74
C ALA B 146 -11.77 -17.14 15.78
N SER B 147 -11.47 -16.48 14.65
CA SER B 147 -11.62 -15.04 14.59
C SER B 147 -13.07 -14.62 14.83
N LYS B 148 -13.98 -15.11 14.02
CA LYS B 148 -15.41 -14.98 14.31
C LYS B 148 -15.72 -15.55 15.70
N SER B 233 -19.44 -23.94 14.75
CA SER B 233 -19.11 -25.20 15.39
C SER B 233 -18.56 -26.21 14.40
N VAL B 234 -17.36 -26.70 14.66
CA VAL B 234 -16.67 -27.62 13.77
C VAL B 234 -17.13 -29.05 14.05
N ALA B 235 -17.34 -29.81 12.99
CA ALA B 235 -17.69 -31.21 13.11
C ALA B 235 -16.44 -32.08 12.97
N THR B 236 -16.58 -33.33 13.34
CA THR B 236 -15.50 -34.29 13.23
C THR B 236 -15.78 -35.13 12.00
N LEU B 237 -14.96 -34.99 10.98
CA LEU B 237 -15.28 -35.58 9.70
C LEU B 237 -14.91 -37.05 9.69
N THR B 238 -15.72 -37.85 9.03
CA THR B 238 -15.45 -39.26 8.93
C THR B 238 -15.38 -39.76 7.51
N ALA B 239 -16.01 -39.17 6.66
CA ALA B 239 -16.23 -39.64 5.30
C ALA B 239 -15.27 -38.97 4.35
N PRO B 240 -14.87 -39.65 3.29
CA PRO B 240 -13.86 -39.09 2.41
C PRO B 240 -14.40 -37.91 1.64
N THR B 241 -13.50 -37.13 1.09
CA THR B 241 -13.95 -36.05 0.24
C THR B 241 -14.55 -36.60 -1.04
N ILE B 242 -14.06 -37.72 -1.54
CA ILE B 242 -14.67 -38.35 -2.70
C ILE B 242 -14.73 -39.85 -2.46
N VAL B 243 -15.93 -40.40 -2.48
CA VAL B 243 -16.15 -41.83 -2.49
C VAL B 243 -15.29 -42.46 -3.57
N ASN B 244 -14.98 -43.75 -3.41
CA ASN B 244 -14.11 -44.41 -4.36
C ASN B 244 -14.82 -44.64 -5.68
N GLN B 245 -14.13 -44.38 -6.77
CA GLN B 245 -14.77 -44.48 -8.07
C GLN B 245 -15.00 -45.94 -8.41
N GLU B 246 -16.04 -46.18 -9.20
CA GLU B 246 -16.34 -47.50 -9.71
C GLU B 246 -16.87 -47.33 -11.13
N ARG B 247 -16.45 -48.21 -12.03
CA ARG B 247 -16.80 -48.13 -13.43
C ARG B 247 -17.59 -49.36 -13.83
N TYR B 248 -18.76 -49.17 -14.39
CA TYR B 248 -19.69 -50.25 -14.60
C TYR B 248 -19.87 -50.58 -16.08
N VAL B 249 -20.18 -51.83 -16.35
CA VAL B 249 -20.42 -52.28 -17.72
C VAL B 249 -21.82 -51.93 -18.18
N LYS B 250 -22.76 -51.81 -17.27
CA LYS B 250 -24.12 -51.46 -17.60
C LYS B 250 -24.48 -50.17 -16.88
N ILE B 251 -25.56 -49.52 -17.31
CA ILE B 251 -26.17 -48.53 -16.46
C ILE B 251 -26.54 -49.22 -15.17
N THR B 252 -26.17 -48.63 -14.04
CA THR B 252 -26.31 -49.29 -12.75
C THR B 252 -27.23 -48.50 -11.85
N GLY B 253 -28.34 -49.11 -11.46
CA GLY B 253 -29.18 -48.57 -10.43
C GLY B 253 -30.16 -47.53 -10.89
N LEU B 254 -30.09 -47.13 -12.16
CA LEU B 254 -31.01 -46.18 -12.74
C LEU B 254 -31.65 -46.82 -13.96
N TYR B 255 -32.87 -46.43 -14.25
CA TYR B 255 -33.62 -47.01 -15.36
C TYR B 255 -34.06 -45.89 -16.30
N PRO B 256 -33.39 -45.72 -17.44
CA PRO B 256 -33.75 -44.66 -18.36
C PRO B 256 -35.19 -44.78 -18.83
N THR B 257 -35.69 -43.71 -19.43
CA THR B 257 -37.07 -43.64 -19.87
C THR B 257 -37.18 -43.83 -21.37
N ILE B 258 -38.42 -43.95 -21.82
CA ILE B 258 -38.75 -44.15 -23.23
C ILE B 258 -39.93 -43.28 -23.62
N THR B 259 -39.67 -42.08 -24.11
CA THR B 259 -38.33 -41.54 -24.16
C THR B 259 -38.35 -40.15 -23.57
N VAL B 260 -37.35 -39.37 -23.96
CA VAL B 260 -37.13 -38.05 -23.38
C VAL B 260 -37.92 -37.00 -24.13
N PRO B 261 -38.52 -36.04 -23.43
CA PRO B 261 -39.17 -34.93 -24.13
C PRO B 261 -38.16 -34.13 -24.93
N GLU B 262 -38.60 -33.63 -26.08
CA GLU B 262 -37.69 -33.03 -27.05
C GLU B 262 -36.77 -31.98 -26.44
N GLU B 263 -37.11 -31.41 -25.30
CA GLU B 263 -36.28 -30.36 -24.75
C GLU B 263 -35.00 -30.91 -24.14
N PHE B 264 -35.05 -32.09 -23.55
CA PHE B 264 -33.87 -32.67 -22.95
C PHE B 264 -33.16 -33.64 -23.87
N ALA B 265 -33.70 -33.90 -25.06
CA ALA B 265 -33.12 -34.90 -25.92
C ALA B 265 -31.69 -34.59 -26.31
N SER B 266 -31.24 -33.36 -26.11
CA SER B 266 -29.89 -33.01 -26.51
C SER B 266 -28.84 -33.66 -25.64
N HIS B 267 -29.22 -34.17 -24.47
CA HIS B 267 -28.26 -34.59 -23.47
C HIS B 267 -28.38 -36.04 -23.06
N VAL B 268 -29.11 -36.87 -23.82
CA VAL B 268 -29.23 -38.26 -23.43
C VAL B 268 -27.87 -38.90 -23.31
N ALA B 269 -26.92 -38.51 -24.14
CA ALA B 269 -25.61 -39.11 -24.05
C ALA B 269 -24.95 -38.76 -22.73
N ASN B 270 -25.19 -37.56 -22.24
CA ASN B 270 -24.59 -37.16 -20.98
C ASN B 270 -25.43 -37.64 -19.81
N PHE B 271 -26.72 -37.81 -20.00
CA PHE B 271 -27.54 -38.42 -18.96
C PHE B 271 -27.15 -39.86 -18.73
N GLN B 272 -26.74 -40.56 -19.76
CA GLN B 272 -26.40 -41.96 -19.60
C GLN B 272 -25.02 -42.15 -19.01
N LYS B 273 -24.04 -41.40 -19.48
CA LYS B 273 -22.72 -41.42 -18.91
C LYS B 273 -22.80 -41.30 -17.40
N SER B 274 -23.78 -40.56 -16.92
CA SER B 274 -23.91 -40.32 -15.49
C SER B 274 -24.23 -41.58 -14.73
N GLY B 275 -24.72 -42.59 -15.41
CA GLY B 275 -25.11 -43.81 -14.77
C GLY B 275 -24.18 -44.97 -14.99
N TYR B 276 -23.05 -44.76 -15.63
CA TYR B 276 -22.07 -45.81 -15.89
C TYR B 276 -20.95 -45.83 -14.88
N SER B 277 -21.05 -45.05 -13.82
CA SER B 277 -19.96 -44.93 -12.87
C SER B 277 -20.49 -44.35 -11.58
N LYS B 278 -19.65 -44.40 -10.55
CA LYS B 278 -20.12 -44.02 -9.21
C LYS B 278 -20.36 -42.53 -9.15
N TYR B 279 -19.38 -41.75 -9.51
CA TYR B 279 -19.55 -40.32 -9.61
C TYR B 279 -19.03 -39.85 -10.95
N VAL B 280 -19.71 -38.87 -11.51
CA VAL B 280 -19.34 -38.24 -12.77
C VAL B 280 -19.21 -36.76 -12.50
N THR B 281 -18.40 -36.07 -13.29
CA THR B 281 -18.10 -34.66 -13.07
C THR B 281 -18.44 -33.86 -14.32
N VAL B 282 -19.13 -32.74 -14.15
CA VAL B 282 -19.72 -31.96 -15.24
C VAL B 282 -19.21 -30.52 -15.17
N GLN B 283 -18.42 -30.11 -16.16
CA GLN B 283 -17.96 -28.74 -16.23
C GLN B 283 -18.97 -27.91 -17.01
N GLY B 284 -19.46 -26.85 -16.40
CA GLY B 284 -20.49 -26.06 -17.01
C GLY B 284 -20.20 -24.59 -16.97
N PRO B 285 -19.63 -24.06 -18.04
CA PRO B 285 -19.17 -22.70 -18.05
C PRO B 285 -20.36 -21.76 -17.98
N PRO B 286 -20.15 -20.45 -17.90
CA PRO B 286 -21.27 -19.55 -17.63
C PRO B 286 -22.40 -19.73 -18.62
N GLY B 287 -23.60 -19.87 -18.09
CA GLY B 287 -24.78 -19.95 -18.93
C GLY B 287 -24.71 -21.01 -20.01
N THR B 288 -24.42 -22.25 -19.62
CA THR B 288 -24.43 -23.36 -20.55
C THR B 288 -25.50 -24.37 -20.23
N GLY B 289 -26.27 -24.16 -19.17
CA GLY B 289 -27.39 -25.02 -18.90
C GLY B 289 -27.22 -25.97 -17.73
N LYS B 290 -26.43 -25.58 -16.73
CA LYS B 290 -26.18 -26.46 -15.60
C LYS B 290 -27.47 -26.88 -14.93
N SER B 291 -28.34 -25.93 -14.63
CA SER B 291 -29.59 -26.31 -13.99
C SER B 291 -30.51 -27.03 -14.94
N HIS B 292 -30.46 -26.71 -16.22
CA HIS B 292 -31.23 -27.47 -17.18
C HIS B 292 -30.82 -28.92 -17.14
N PHE B 293 -29.51 -29.16 -17.14
CA PHE B 293 -28.99 -30.52 -17.13
C PHE B 293 -29.35 -31.22 -15.84
N ALA B 294 -29.12 -30.58 -14.71
CA ALA B 294 -29.32 -31.23 -13.44
C ALA B 294 -30.77 -31.62 -13.23
N ILE B 295 -31.71 -30.82 -13.74
CA ILE B 295 -33.09 -31.26 -13.64
C ILE B 295 -33.40 -32.27 -14.70
N GLY B 296 -32.66 -32.27 -15.80
CA GLY B 296 -32.91 -33.25 -16.84
C GLY B 296 -32.71 -34.66 -16.35
N LEU B 297 -31.72 -34.88 -15.49
CA LEU B 297 -31.50 -36.20 -14.94
C LEU B 297 -32.78 -36.75 -14.35
N ALA B 298 -33.44 -35.97 -13.52
CA ALA B 298 -34.69 -36.43 -12.94
C ALA B 298 -35.74 -36.74 -14.00
N ILE B 299 -35.61 -36.20 -15.20
CA ILE B 299 -36.59 -36.51 -16.23
C ILE B 299 -36.18 -37.76 -16.99
N TYR B 300 -34.89 -37.90 -17.26
CA TYR B 300 -34.39 -39.07 -17.95
C TYR B 300 -34.44 -40.31 -17.08
N TYR B 301 -34.52 -40.13 -15.78
CA TYR B 301 -34.57 -41.22 -14.80
C TYR B 301 -35.75 -40.97 -13.90
N PRO B 302 -36.96 -41.24 -14.36
CA PRO B 302 -38.13 -40.77 -13.62
C PRO B 302 -38.29 -41.46 -12.29
N THR B 303 -38.00 -42.76 -12.22
CA THR B 303 -38.19 -43.53 -11.01
C THR B 303 -37.08 -43.32 -10.01
N ALA B 304 -36.05 -42.59 -10.37
CA ALA B 304 -34.96 -42.34 -9.45
C ALA B 304 -35.38 -41.34 -8.39
N ARG B 305 -34.66 -41.36 -7.28
CA ARG B 305 -34.80 -40.35 -6.26
C ARG B 305 -33.54 -39.51 -6.27
N VAL B 306 -33.69 -38.20 -6.39
CA VAL B 306 -32.51 -37.36 -6.50
C VAL B 306 -32.51 -36.33 -5.40
N VAL B 307 -31.33 -35.92 -4.99
CA VAL B 307 -31.14 -34.91 -3.96
C VAL B 307 -30.23 -33.86 -4.57
N TYR B 308 -30.60 -32.60 -4.42
CA TYR B 308 -29.87 -31.50 -5.01
C TYR B 308 -29.28 -30.67 -3.90
N THR B 309 -28.00 -30.39 -3.98
CA THR B 309 -27.40 -29.62 -2.91
C THR B 309 -26.38 -28.66 -3.49
N ALA B 310 -26.07 -27.65 -2.69
CA ALA B 310 -24.96 -26.74 -2.93
C ALA B 310 -24.69 -25.99 -1.65
N CYS B 311 -23.58 -25.29 -1.60
CA CYS B 311 -23.25 -24.54 -0.39
C CYS B 311 -24.26 -23.44 -0.15
N SER B 312 -24.40 -22.52 -1.11
CA SER B 312 -25.19 -21.32 -0.89
C SER B 312 -26.66 -21.61 -1.07
N HIS B 313 -27.48 -20.88 -0.33
CA HIS B 313 -28.92 -20.97 -0.53
C HIS B 313 -29.29 -20.59 -1.96
N ALA B 314 -28.55 -19.65 -2.54
CA ALA B 314 -28.85 -19.20 -3.89
C ALA B 314 -28.83 -20.35 -4.87
N ALA B 315 -27.68 -21.01 -5.00
CA ALA B 315 -27.57 -22.10 -5.96
C ALA B 315 -28.64 -23.16 -5.73
N VAL B 316 -29.04 -23.34 -4.48
CA VAL B 316 -30.12 -24.28 -4.18
C VAL B 316 -31.44 -23.76 -4.70
N ASP B 317 -31.76 -22.51 -4.36
CA ASP B 317 -33.03 -21.93 -4.78
C ASP B 317 -33.14 -21.93 -6.30
N ALA B 318 -32.07 -21.52 -6.98
CA ALA B 318 -32.08 -21.49 -8.43
C ALA B 318 -32.36 -22.86 -9.03
N LEU B 319 -32.03 -23.94 -8.33
CA LEU B 319 -32.35 -25.25 -8.86
C LEU B 319 -33.84 -25.55 -8.70
N CYS B 320 -34.44 -25.08 -7.61
CA CYS B 320 -35.88 -25.28 -7.43
C CYS B 320 -36.67 -24.63 -8.54
N GLU B 321 -36.23 -23.45 -8.97
CA GLU B 321 -36.96 -22.72 -10.00
C GLU B 321 -37.00 -23.52 -11.30
N LYS B 322 -35.86 -24.03 -11.76
CA LYS B 322 -35.91 -24.92 -12.91
C LYS B 322 -36.76 -26.13 -12.60
N ALA B 323 -36.58 -26.71 -11.42
CA ALA B 323 -37.34 -27.89 -11.06
C ALA B 323 -38.83 -27.61 -11.02
N PHE B 324 -39.22 -26.40 -10.65
CA PHE B 324 -40.64 -26.09 -10.55
C PHE B 324 -41.33 -26.24 -11.89
N LYS B 325 -40.63 -25.95 -12.97
CA LYS B 325 -41.25 -26.08 -14.28
C LYS B 325 -41.49 -27.53 -14.63
N TYR B 326 -40.48 -28.38 -14.49
CA TYR B 326 -40.47 -29.68 -15.12
C TYR B 326 -40.75 -30.86 -14.19
N LEU B 327 -40.78 -30.67 -12.88
CA LEU B 327 -40.93 -31.80 -11.98
C LEU B 327 -42.27 -31.75 -11.27
N ASN B 328 -42.79 -32.93 -10.92
CA ASN B 328 -44.02 -33.02 -10.14
C ASN B 328 -43.85 -32.36 -8.79
N ILE B 329 -44.30 -31.10 -8.67
CA ILE B 329 -44.15 -30.34 -7.43
C ILE B 329 -44.60 -31.12 -6.21
N ALA B 330 -45.56 -32.02 -6.36
CA ALA B 330 -46.01 -32.81 -5.22
C ALA B 330 -44.86 -33.52 -4.56
N LYS B 331 -43.93 -34.01 -5.36
CA LYS B 331 -42.81 -34.79 -4.85
C LYS B 331 -41.53 -33.99 -4.76
N CYS B 332 -41.62 -32.71 -4.41
CA CYS B 332 -40.46 -31.90 -4.13
C CYS B 332 -40.57 -31.31 -2.75
N SER B 333 -39.43 -31.04 -2.14
CA SER B 333 -39.41 -30.48 -0.78
C SER B 333 -38.10 -29.72 -0.58
N ARG B 334 -38.21 -28.47 -0.17
CA ARG B 334 -37.07 -27.66 0.21
C ARG B 334 -36.77 -27.89 1.67
N ILE B 335 -35.51 -28.06 2.01
CA ILE B 335 -35.11 -28.42 3.35
C ILE B 335 -34.43 -27.23 3.99
N ILE B 336 -35.08 -26.64 4.98
CA ILE B 336 -34.62 -25.42 5.61
C ILE B 336 -34.20 -25.77 7.03
N PRO B 337 -33.06 -25.27 7.51
CA PRO B 337 -32.66 -25.54 8.89
C PRO B 337 -33.76 -25.18 9.87
N ALA B 338 -33.75 -25.86 11.02
CA ALA B 338 -34.75 -25.58 12.06
C ALA B 338 -34.75 -24.10 12.42
N LYS B 339 -33.57 -23.52 12.60
CA LYS B 339 -33.46 -22.08 12.69
C LYS B 339 -33.56 -21.48 11.29
N ALA B 340 -34.22 -20.33 11.19
CA ALA B 340 -34.52 -19.69 9.91
C ALA B 340 -33.78 -18.37 9.83
N ARG B 341 -32.46 -18.44 9.59
CA ARG B 341 -31.67 -17.23 9.41
C ARG B 341 -32.13 -16.42 8.21
N VAL B 342 -32.54 -17.07 7.12
CA VAL B 342 -33.09 -16.41 5.95
C VAL B 342 -34.39 -17.12 5.57
N GLU B 343 -35.02 -16.64 4.51
CA GLU B 343 -36.09 -17.38 3.85
C GLU B 343 -35.71 -17.60 2.39
N CYS B 344 -35.92 -18.82 1.93
CA CYS B 344 -35.57 -19.19 0.57
C CYS B 344 -36.82 -19.63 -0.18
N TYR B 345 -36.72 -20.69 -0.96
CA TYR B 345 -37.88 -21.13 -1.74
C TYR B 345 -39.04 -21.43 -0.81
N ASP B 346 -40.24 -21.16 -1.30
CA ASP B 346 -41.44 -21.25 -0.48
C ASP B 346 -42.56 -22.01 -1.15
N ARG B 347 -42.34 -22.54 -2.35
CA ARG B 347 -43.39 -23.26 -3.04
C ARG B 347 -43.35 -24.75 -2.82
N PHE B 348 -42.23 -25.31 -2.40
CA PHE B 348 -42.19 -26.71 -2.03
C PHE B 348 -42.56 -26.85 -0.57
N LYS B 349 -43.10 -28.03 -0.21
CA LYS B 349 -43.23 -28.36 1.21
C LYS B 349 -41.88 -28.25 1.89
N VAL B 350 -41.90 -28.00 3.19
CA VAL B 350 -40.70 -27.67 3.93
C VAL B 350 -40.37 -28.82 4.86
N ASN B 351 -39.28 -29.51 4.58
CA ASN B 351 -38.66 -30.50 5.47
C ASN B 351 -39.46 -31.80 5.55
N GLU B 352 -40.03 -32.22 4.41
CA GLU B 352 -40.58 -33.57 4.28
C GLU B 352 -39.50 -34.42 3.61
N THR B 353 -38.58 -34.91 4.43
CA THR B 353 -37.36 -35.54 3.96
C THR B 353 -37.58 -36.89 3.29
N ASN B 354 -38.79 -37.26 2.93
CA ASN B 354 -38.99 -38.49 2.21
C ASN B 354 -39.65 -38.28 0.86
N SER B 355 -39.86 -37.04 0.46
CA SER B 355 -40.32 -36.78 -0.89
C SER B 355 -39.26 -37.26 -1.87
N GLN B 356 -39.67 -37.44 -3.12
CA GLN B 356 -38.75 -37.98 -4.10
C GLN B 356 -37.59 -37.03 -4.33
N TYR B 357 -37.85 -35.75 -4.46
CA TYR B 357 -36.84 -34.78 -4.82
C TYR B 357 -36.58 -33.87 -3.63
N LEU B 358 -35.33 -33.81 -3.18
CA LEU B 358 -34.94 -33.02 -2.02
C LEU B 358 -34.01 -31.90 -2.44
N PHE B 359 -34.27 -30.69 -1.97
CA PHE B 359 -33.47 -29.52 -2.32
C PHE B 359 -32.96 -28.91 -1.03
N SER B 360 -31.66 -28.96 -0.82
CA SER B 360 -31.13 -28.50 0.45
C SER B 360 -29.73 -27.97 0.27
N THR B 361 -29.33 -27.11 1.21
CA THR B 361 -27.95 -26.66 1.30
C THR B 361 -27.11 -27.74 1.97
N ILE B 362 -25.80 -27.62 1.83
CA ILE B 362 -24.94 -28.68 2.34
C ILE B 362 -25.05 -28.77 3.85
N ASN B 363 -25.00 -27.66 4.55
CA ASN B 363 -25.04 -27.71 6.00
C ASN B 363 -26.33 -28.33 6.51
N ALA B 364 -27.41 -28.28 5.75
CA ALA B 364 -28.70 -28.74 6.24
C ALA B 364 -29.15 -30.04 5.58
N LEU B 365 -28.27 -30.73 4.90
CA LEU B 365 -28.64 -32.00 4.31
C LEU B 365 -29.08 -32.95 5.41
N PRO B 366 -30.17 -33.67 5.21
CA PRO B 366 -30.53 -34.74 6.14
C PRO B 366 -29.58 -35.91 6.01
N GLU B 367 -29.75 -36.89 6.88
CA GLU B 367 -29.13 -38.18 6.71
C GLU B 367 -30.09 -39.04 5.91
N THR B 368 -29.82 -39.20 4.63
CA THR B 368 -30.71 -40.00 3.82
C THR B 368 -29.91 -40.67 2.72
N SER B 369 -30.62 -41.24 1.77
CA SER B 369 -30.04 -41.95 0.64
C SER B 369 -30.51 -41.28 -0.63
N ALA B 370 -29.98 -41.73 -1.75
CA ALA B 370 -30.37 -41.14 -3.01
C ALA B 370 -29.84 -41.96 -4.16
N ASP B 371 -30.65 -42.10 -5.20
CA ASP B 371 -30.18 -42.78 -6.41
C ASP B 371 -29.27 -41.88 -7.23
N ILE B 372 -29.49 -40.57 -7.18
CA ILE B 372 -28.64 -39.60 -7.84
C ILE B 372 -28.53 -38.42 -6.90
N LEU B 373 -27.33 -38.13 -6.43
CA LEU B 373 -27.08 -36.91 -5.68
C LEU B 373 -26.40 -35.92 -6.62
N VAL B 374 -26.91 -34.70 -6.66
CA VAL B 374 -26.40 -33.66 -7.54
C VAL B 374 -25.86 -32.53 -6.69
N VAL B 375 -24.59 -32.22 -6.87
CA VAL B 375 -23.91 -31.20 -6.08
C VAL B 375 -23.59 -30.09 -7.05
N ASP B 376 -24.19 -28.92 -6.84
CA ASP B 376 -24.07 -27.81 -7.76
C ASP B 376 -23.13 -26.75 -7.20
N GLU B 377 -22.61 -25.91 -8.09
CA GLU B 377 -21.57 -24.95 -7.76
C GLU B 377 -20.43 -25.63 -7.03
N VAL B 378 -19.92 -26.70 -7.64
CA VAL B 378 -18.93 -27.48 -6.92
C VAL B 378 -17.69 -26.69 -6.67
N SER B 379 -17.42 -25.65 -7.43
CA SER B 379 -16.12 -24.99 -7.24
C SER B 379 -16.08 -24.18 -5.97
N MET B 380 -17.22 -23.93 -5.36
CA MET B 380 -17.26 -23.13 -4.14
C MET B 380 -17.35 -23.98 -2.91
N CYS B 381 -17.22 -25.29 -3.07
CA CYS B 381 -17.11 -26.21 -1.96
C CYS B 381 -15.70 -26.17 -1.39
N THR B 382 -15.61 -26.42 -0.09
CA THR B 382 -14.37 -26.78 0.58
C THR B 382 -14.33 -28.28 0.71
N ASN B 383 -13.17 -28.85 0.98
CA ASN B 383 -13.14 -30.28 1.21
C ASN B 383 -14.00 -30.62 2.41
N TYR B 384 -14.00 -29.78 3.42
CA TYR B 384 -14.91 -29.96 4.54
C TYR B 384 -16.32 -30.14 4.04
N ASP B 385 -16.72 -29.34 3.06
CA ASP B 385 -18.08 -29.46 2.55
C ASP B 385 -18.28 -30.80 1.88
N LEU B 386 -17.29 -31.25 1.10
CA LEU B 386 -17.42 -32.52 0.40
C LEU B 386 -17.59 -33.66 1.37
N SER B 387 -16.83 -33.65 2.46
CA SER B 387 -16.93 -34.74 3.43
C SER B 387 -18.30 -34.78 4.08
N ILE B 388 -18.80 -33.64 4.53
CA ILE B 388 -20.15 -33.58 5.06
C ILE B 388 -21.14 -34.21 4.09
N ILE B 389 -21.02 -33.92 2.80
CA ILE B 389 -21.96 -34.47 1.82
C ILE B 389 -21.99 -35.98 1.94
N ASN B 390 -20.85 -36.61 1.78
CA ASN B 390 -20.76 -38.06 1.77
C ASN B 390 -21.20 -38.67 3.08
N ALA B 391 -21.04 -37.95 4.19
CA ALA B 391 -21.47 -38.51 5.46
C ALA B 391 -22.98 -38.45 5.61
N ARG B 392 -23.65 -37.55 4.91
CA ARG B 392 -25.08 -37.40 5.11
C ARG B 392 -25.92 -38.11 4.07
N ILE B 393 -25.41 -38.28 2.86
CA ILE B 393 -26.16 -38.87 1.77
C ILE B 393 -25.45 -40.13 1.34
N LYS B 394 -26.15 -41.26 1.38
CA LYS B 394 -25.64 -42.50 0.84
C LYS B 394 -26.10 -42.60 -0.60
N ALA B 395 -25.24 -42.31 -1.53
CA ALA B 395 -25.66 -42.10 -2.90
C ALA B 395 -25.19 -43.21 -3.80
N LYS B 396 -26.09 -43.67 -4.67
CA LYS B 396 -25.74 -44.64 -5.68
C LYS B 396 -24.89 -44.01 -6.76
N HIS B 397 -25.19 -42.78 -7.10
CA HIS B 397 -24.54 -42.01 -8.14
C HIS B 397 -24.43 -40.57 -7.68
N ILE B 398 -23.30 -39.93 -7.97
CA ILE B 398 -23.06 -38.55 -7.57
C ILE B 398 -22.64 -37.75 -8.80
N VAL B 399 -23.41 -36.74 -9.15
CA VAL B 399 -23.11 -35.88 -10.29
C VAL B 399 -22.67 -34.53 -9.77
N TYR B 400 -21.40 -34.19 -10.01
CA TYR B 400 -20.78 -32.97 -9.53
C TYR B 400 -20.81 -31.92 -10.63
N VAL B 401 -21.47 -30.79 -10.38
CA VAL B 401 -21.72 -29.78 -11.40
C VAL B 401 -21.07 -28.47 -10.99
N GLY B 402 -20.27 -27.90 -11.87
CA GLY B 402 -19.62 -26.65 -11.56
C GLY B 402 -18.58 -26.33 -12.60
N ASP B 403 -17.78 -25.36 -12.29
CA ASP B 403 -16.81 -24.89 -13.25
C ASP B 403 -15.51 -24.62 -12.53
N PRO B 404 -14.51 -25.46 -12.71
CA PRO B 404 -13.23 -25.23 -12.05
C PRO B 404 -12.56 -23.96 -12.51
N ALA B 405 -13.21 -23.22 -13.40
CA ALA B 405 -12.66 -21.98 -13.90
C ALA B 405 -13.43 -20.75 -13.43
N GLN B 406 -14.44 -20.90 -12.59
CA GLN B 406 -15.04 -19.72 -11.98
C GLN B 406 -14.47 -19.52 -10.59
N LEU B 407 -15.30 -19.13 -9.65
CA LEU B 407 -14.65 -18.67 -8.44
C LEU B 407 -14.81 -19.69 -7.32
N PRO B 408 -13.88 -19.72 -6.40
CA PRO B 408 -13.94 -20.69 -5.32
C PRO B 408 -14.66 -20.21 -4.08
N ALA B 409 -14.32 -20.83 -2.97
CA ALA B 409 -14.85 -20.44 -1.70
C ALA B 409 -14.01 -19.32 -1.13
N PRO B 410 -14.56 -18.49 -0.28
CA PRO B 410 -13.84 -17.30 0.16
C PRO B 410 -12.44 -17.60 0.63
N ARG B 411 -12.31 -18.40 1.67
CA ARG B 411 -11.02 -18.68 2.31
C ARG B 411 -10.37 -17.39 2.79
N THR B 412 -10.99 -16.84 3.84
CA THR B 412 -10.67 -15.49 4.30
C THR B 412 -9.19 -15.33 4.61
N LEU B 413 -8.68 -16.11 5.56
CA LEU B 413 -7.33 -15.94 6.09
C LEU B 413 -6.22 -16.02 5.06
N LEU B 414 -6.54 -16.30 3.81
CA LEU B 414 -5.50 -16.42 2.80
C LEU B 414 -5.12 -15.03 2.30
N THR B 415 -3.86 -14.70 2.40
CA THR B 415 -3.45 -13.37 1.97
C THR B 415 -2.28 -13.38 1.02
N ARG B 416 -1.29 -14.23 1.23
CA ARG B 416 -0.01 -14.14 0.55
C ARG B 416 0.10 -15.25 -0.48
N GLY B 417 -0.62 -15.10 -1.57
CA GLY B 417 -0.64 -16.09 -2.63
C GLY B 417 -2.02 -16.25 -3.21
N THR B 418 -2.08 -16.84 -4.40
CA THR B 418 -3.33 -17.11 -5.09
C THR B 418 -3.52 -18.61 -5.20
N LEU B 419 -4.73 -19.05 -4.92
CA LEU B 419 -5.04 -20.46 -4.81
C LEU B 419 -5.43 -21.02 -6.16
N GLU B 420 -4.61 -21.89 -6.70
CA GLU B 420 -4.85 -22.39 -8.04
C GLU B 420 -6.17 -23.14 -8.11
N PRO B 421 -6.74 -23.30 -9.31
CA PRO B 421 -8.05 -23.91 -9.40
C PRO B 421 -8.05 -25.41 -9.18
N GLU B 422 -6.96 -26.10 -9.52
CA GLU B 422 -6.89 -27.51 -9.21
C GLU B 422 -6.78 -27.78 -7.72
N ASN B 423 -6.72 -26.76 -6.89
CA ASN B 423 -6.61 -26.95 -5.45
C ASN B 423 -7.77 -26.30 -4.71
N PHE B 424 -8.94 -26.23 -5.35
CA PHE B 424 -10.12 -25.73 -4.67
C PHE B 424 -10.75 -26.82 -3.82
N ASN B 425 -10.97 -28.00 -4.39
CA ASN B 425 -11.55 -29.15 -3.74
C ASN B 425 -10.78 -30.38 -4.13
N SER B 426 -11.22 -31.52 -3.62
CA SER B 426 -10.81 -32.78 -4.21
C SER B 426 -11.34 -32.95 -5.60
N VAL B 427 -12.46 -32.30 -5.95
CA VAL B 427 -13.11 -32.59 -7.21
C VAL B 427 -12.65 -31.68 -8.32
N THR B 428 -12.31 -30.43 -8.03
CA THR B 428 -11.76 -29.60 -9.08
C THR B 428 -10.33 -30.00 -9.42
N ARG B 429 -9.63 -30.66 -8.52
CA ARG B 429 -8.36 -31.26 -8.92
C ARG B 429 -8.58 -32.37 -9.93
N LEU B 430 -9.67 -33.11 -9.82
CA LEU B 430 -9.95 -34.11 -10.84
C LEU B 430 -10.32 -33.46 -12.15
N MET B 431 -11.20 -32.46 -12.11
CA MET B 431 -11.65 -31.83 -13.34
C MET B 431 -10.49 -31.14 -14.05
N CYS B 432 -9.64 -30.46 -13.31
CA CYS B 432 -8.51 -29.77 -13.92
C CYS B 432 -7.51 -30.76 -14.47
N ASN B 433 -7.16 -31.76 -13.70
CA ASN B 433 -6.06 -32.59 -14.15
C ASN B 433 -6.51 -33.71 -15.06
N LEU B 434 -7.53 -34.43 -14.70
CA LEU B 434 -7.99 -35.52 -15.54
C LEU B 434 -8.91 -35.06 -16.65
N GLY B 435 -9.49 -33.88 -16.52
CA GLY B 435 -10.49 -33.42 -17.44
C GLY B 435 -11.86 -33.80 -16.98
N PRO B 436 -12.84 -32.95 -17.23
CA PRO B 436 -14.19 -33.24 -16.76
C PRO B 436 -14.81 -34.36 -17.55
N ASP B 437 -15.74 -35.05 -16.91
CA ASP B 437 -16.38 -36.16 -17.59
C ASP B 437 -17.42 -35.65 -18.59
N ILE B 438 -18.13 -34.59 -18.26
CA ILE B 438 -19.06 -33.95 -19.16
C ILE B 438 -18.73 -32.48 -19.25
N PHE B 439 -18.77 -31.93 -20.45
CA PHE B 439 -18.47 -30.54 -20.69
C PHE B 439 -19.61 -29.94 -21.50
N LEU B 440 -20.34 -29.00 -20.92
CA LEU B 440 -21.40 -28.31 -21.62
C LEU B 440 -20.79 -27.15 -22.39
N SER B 441 -20.93 -27.15 -23.70
CA SER B 441 -20.09 -26.30 -24.53
C SER B 441 -20.83 -25.22 -25.30
N MET B 442 -22.09 -24.96 -25.00
CA MET B 442 -22.84 -23.92 -25.70
C MET B 442 -23.27 -22.85 -24.73
N CYS B 443 -22.65 -21.68 -24.81
CA CYS B 443 -23.01 -20.55 -23.98
C CYS B 443 -24.23 -19.87 -24.58
N TYR B 444 -25.36 -19.93 -23.88
CA TYR B 444 -26.57 -19.25 -24.32
C TYR B 444 -26.76 -17.92 -23.62
N ARG B 445 -25.74 -17.10 -23.46
CA ARG B 445 -25.97 -15.88 -22.69
C ARG B 445 -25.14 -14.70 -23.16
N CYS B 446 -23.92 -14.91 -23.37
CA CYS B 446 -22.99 -13.84 -23.64
C CYS B 446 -22.89 -13.56 -25.13
N PRO B 447 -22.62 -12.33 -25.50
CA PRO B 447 -22.30 -12.05 -26.90
C PRO B 447 -21.03 -12.72 -27.31
N LYS B 448 -20.98 -13.12 -28.58
CA LYS B 448 -19.83 -13.84 -29.09
C LYS B 448 -18.52 -13.15 -28.81
N GLU B 449 -18.56 -11.86 -28.49
CA GLU B 449 -17.31 -11.13 -28.25
C GLU B 449 -16.66 -11.62 -26.98
N ILE B 450 -17.44 -11.85 -25.94
CA ILE B 450 -16.84 -12.25 -24.68
C ILE B 450 -16.78 -13.76 -24.54
N VAL B 451 -17.65 -14.50 -25.22
CA VAL B 451 -17.50 -15.94 -25.28
C VAL B 451 -16.18 -16.29 -25.95
N SER B 452 -15.99 -15.80 -27.16
CA SER B 452 -14.72 -16.01 -27.84
C SER B 452 -13.55 -15.55 -27.00
N THR B 453 -13.77 -14.63 -26.07
CA THR B 453 -12.68 -14.12 -25.26
C THR B 453 -12.29 -15.13 -24.20
N VAL B 454 -13.26 -15.53 -23.38
CA VAL B 454 -12.96 -16.50 -22.35
C VAL B 454 -12.60 -17.85 -22.95
N SER B 455 -13.36 -18.30 -23.94
CA SER B 455 -13.17 -19.64 -24.47
C SER B 455 -11.74 -19.87 -24.89
N ALA B 456 -11.09 -18.86 -25.42
CA ALA B 456 -9.69 -18.99 -25.76
C ALA B 456 -8.79 -18.64 -24.60
N LEU B 457 -9.31 -17.98 -23.58
CA LEU B 457 -8.49 -17.55 -22.47
C LEU B 457 -8.46 -18.57 -21.35
N VAL B 458 -9.55 -19.31 -21.18
CA VAL B 458 -9.77 -20.11 -19.99
C VAL B 458 -10.22 -21.53 -20.33
N TYR B 459 -10.98 -21.69 -21.41
CA TYR B 459 -11.63 -22.94 -21.74
C TYR B 459 -11.04 -23.60 -22.99
N ASN B 460 -9.78 -23.32 -23.31
CA ASN B 460 -9.05 -24.08 -24.32
C ASN B 460 -9.85 -24.19 -25.62
N ASN B 461 -10.56 -23.12 -25.94
CA ASN B 461 -11.31 -23.00 -27.19
C ASN B 461 -12.39 -24.05 -27.35
N LYS B 462 -12.87 -24.65 -26.27
CA LYS B 462 -13.97 -25.60 -26.40
C LYS B 462 -15.33 -24.95 -26.29
N LEU B 463 -15.41 -23.71 -25.82
CA LEU B 463 -16.67 -23.04 -25.54
C LEU B 463 -17.14 -22.31 -26.77
N LEU B 464 -18.27 -22.72 -27.33
CA LEU B 464 -18.84 -22.07 -28.49
C LEU B 464 -19.85 -21.04 -28.03
N ALA B 465 -20.54 -20.42 -28.96
CA ALA B 465 -21.44 -19.33 -28.64
C ALA B 465 -22.70 -19.41 -29.47
N LYS B 466 -23.82 -19.16 -28.83
CA LYS B 466 -25.08 -19.07 -29.54
C LYS B 466 -25.36 -17.67 -30.04
N LYS B 467 -25.22 -16.67 -29.18
CA LYS B 467 -25.45 -15.29 -29.57
C LYS B 467 -24.42 -14.86 -30.61
N GLU B 468 -24.79 -13.87 -31.41
CA GLU B 468 -23.84 -13.30 -32.35
C GLU B 468 -23.22 -12.05 -31.76
N LEU B 469 -22.11 -11.63 -32.36
CA LEU B 469 -21.47 -10.37 -32.01
C LEU B 469 -22.53 -9.33 -31.71
N SER B 470 -22.42 -8.73 -30.52
CA SER B 470 -23.41 -7.76 -30.10
C SER B 470 -22.97 -6.34 -30.39
N GLY B 471 -21.67 -6.12 -30.56
CA GLY B 471 -21.15 -4.83 -30.91
C GLY B 471 -20.95 -3.88 -29.76
N GLN B 472 -21.46 -4.22 -28.58
CA GLN B 472 -21.45 -3.35 -27.43
C GLN B 472 -20.49 -3.85 -26.36
N CYS B 473 -19.31 -4.27 -26.77
CA CYS B 473 -18.31 -4.80 -25.86
C CYS B 473 -17.06 -3.98 -26.04
N PHE B 474 -16.70 -3.22 -25.02
CA PHE B 474 -15.65 -2.22 -25.17
C PHE B 474 -14.62 -2.42 -24.08
N LYS B 475 -13.39 -2.04 -24.38
CA LYS B 475 -12.28 -2.22 -23.46
C LYS B 475 -11.41 -0.97 -23.49
N ILE B 476 -10.72 -0.71 -22.41
CA ILE B 476 -9.86 0.46 -22.35
C ILE B 476 -8.79 0.22 -21.31
N LEU B 477 -7.55 0.47 -21.67
CA LEU B 477 -6.44 0.28 -20.76
C LEU B 477 -6.15 1.62 -20.10
N TYR B 478 -6.63 1.80 -18.88
CA TYR B 478 -6.48 3.06 -18.16
C TYR B 478 -6.11 2.72 -16.73
N LYS B 479 -4.83 2.83 -16.41
CA LYS B 479 -4.35 2.30 -15.14
C LYS B 479 -4.81 3.12 -13.95
N GLY B 480 -5.23 4.36 -14.17
CA GLY B 480 -5.68 5.16 -13.06
C GLY B 480 -4.59 5.35 -12.02
N ASN B 481 -5.03 5.50 -10.78
CA ASN B 481 -4.14 5.63 -9.64
C ASN B 481 -4.85 5.01 -8.45
N VAL B 482 -4.19 4.09 -7.76
CA VAL B 482 -4.83 3.24 -6.77
C VAL B 482 -4.60 3.83 -5.39
N THR B 483 -5.67 4.26 -4.73
CA THR B 483 -5.62 4.79 -3.38
C THR B 483 -6.45 3.90 -2.47
N HIS B 484 -6.03 3.79 -1.22
CA HIS B 484 -6.66 2.88 -0.28
C HIS B 484 -7.25 3.67 0.88
N ASP B 485 -8.50 3.37 1.20
CA ASP B 485 -9.10 3.78 2.46
C ASP B 485 -9.89 2.61 3.00
N ALA B 486 -9.70 2.30 4.28
CA ALA B 486 -10.21 1.09 4.91
C ALA B 486 -9.57 -0.17 4.32
N SER B 487 -8.28 -0.08 3.98
CA SER B 487 -7.45 -1.23 3.66
C SER B 487 -7.98 -2.06 2.48
N SER B 488 -8.78 -1.42 1.61
CA SER B 488 -9.13 -1.98 0.32
C SER B 488 -8.81 -0.94 -0.74
N ALA B 489 -8.83 -1.37 -1.98
CA ALA B 489 -8.35 -0.52 -3.05
C ALA B 489 -9.47 0.35 -3.60
N ILE B 490 -9.10 1.56 -4.00
CA ILE B 490 -9.97 2.46 -4.74
C ILE B 490 -9.19 3.01 -5.92
N ASN B 491 -9.88 3.30 -7.00
CA ASN B 491 -9.30 3.91 -8.18
C ASN B 491 -10.30 4.95 -8.66
N ARG B 492 -10.21 6.16 -8.13
CA ARG B 492 -11.16 7.20 -8.48
C ARG B 492 -10.93 7.66 -9.91
N PRO B 493 -9.69 7.75 -10.38
CA PRO B 493 -9.51 7.97 -11.80
C PRO B 493 -10.37 7.09 -12.67
N GLN B 494 -10.32 5.78 -12.49
CA GLN B 494 -11.08 4.90 -13.36
C GLN B 494 -12.57 5.17 -13.24
N LEU B 495 -13.01 5.69 -12.12
CA LEU B 495 -14.42 5.89 -11.97
C LEU B 495 -14.87 7.13 -12.72
N THR B 496 -14.06 8.19 -12.72
CA THR B 496 -14.42 9.33 -13.53
C THR B 496 -14.55 8.93 -14.99
N PHE B 497 -13.64 8.09 -15.49
CA PHE B 497 -13.83 7.59 -16.85
C PHE B 497 -15.17 6.94 -17.02
N VAL B 498 -15.58 6.08 -16.08
CA VAL B 498 -16.90 5.50 -16.16
C VAL B 498 -17.95 6.59 -16.19
N LYS B 499 -17.80 7.57 -15.30
CA LYS B 499 -18.82 8.62 -15.21
C LYS B 499 -19.01 9.32 -16.52
N ASN B 500 -17.91 9.76 -17.13
CA ASN B 500 -18.00 10.36 -18.45
C ASN B 500 -18.66 9.40 -19.42
N PHE B 501 -18.25 8.14 -19.38
CA PHE B 501 -18.78 7.16 -20.31
C PHE B 501 -20.28 6.99 -20.15
N ILE B 502 -20.75 6.91 -18.91
CA ILE B 502 -22.18 6.73 -18.70
C ILE B 502 -22.95 7.93 -19.23
N THR B 503 -22.50 9.14 -18.88
CA THR B 503 -23.23 10.32 -19.32
C THR B 503 -23.03 10.61 -20.79
N ALA B 504 -22.06 9.99 -21.43
CA ALA B 504 -21.94 10.11 -22.86
C ALA B 504 -22.71 9.07 -23.64
N ASN B 505 -23.20 8.02 -22.99
CA ASN B 505 -23.93 6.96 -23.67
C ASN B 505 -24.98 6.43 -22.73
N PRO B 506 -26.14 7.03 -22.68
CA PRO B 506 -27.07 6.74 -21.59
C PRO B 506 -27.77 5.41 -21.75
N ALA B 507 -27.40 4.64 -22.75
CA ALA B 507 -27.88 3.28 -22.77
C ALA B 507 -27.40 2.51 -21.54
N TRP B 508 -26.16 2.77 -21.13
CA TRP B 508 -25.53 2.21 -19.96
C TRP B 508 -26.00 2.85 -18.69
N SER B 509 -27.24 3.33 -18.66
CA SER B 509 -27.78 4.00 -17.48
C SER B 509 -28.10 2.98 -16.42
N LYS B 510 -28.63 1.85 -16.86
CA LYS B 510 -29.11 0.79 -16.00
C LYS B 510 -28.12 -0.38 -15.97
N ALA B 511 -26.84 -0.07 -16.07
CA ALA B 511 -25.81 -1.07 -16.06
C ALA B 511 -25.61 -1.57 -14.64
N VAL B 512 -24.70 -2.52 -14.47
CA VAL B 512 -24.30 -2.99 -13.16
C VAL B 512 -22.79 -2.88 -13.02
N PHE B 513 -22.33 -2.30 -11.93
CA PHE B 513 -20.92 -2.09 -11.71
C PHE B 513 -20.33 -3.27 -10.97
N ILE B 514 -19.15 -3.69 -11.35
CA ILE B 514 -18.52 -4.89 -10.81
C ILE B 514 -17.03 -4.62 -10.65
N SER B 515 -16.49 -4.91 -9.48
CA SER B 515 -15.09 -4.64 -9.18
C SER B 515 -14.61 -5.64 -8.16
N PRO B 516 -13.37 -6.03 -8.21
CA PRO B 516 -12.88 -6.96 -7.21
C PRO B 516 -12.58 -6.32 -5.88
N TYR B 517 -13.31 -5.27 -5.51
CA TYR B 517 -13.03 -4.55 -4.27
C TYR B 517 -14.30 -3.87 -3.78
N ASN B 518 -14.57 -3.97 -2.47
CA ASN B 518 -15.75 -3.34 -1.90
C ASN B 518 -15.59 -1.84 -1.87
N SER B 519 -14.37 -1.36 -1.64
CA SER B 519 -14.15 0.07 -1.58
C SER B 519 -14.50 0.75 -2.88
N GLN B 520 -14.00 0.22 -4.00
CA GLN B 520 -14.36 0.79 -5.29
C GLN B 520 -15.86 0.80 -5.50
N ASN B 521 -16.56 -0.21 -5.04
CA ASN B 521 -17.99 -0.21 -5.26
C ASN B 521 -18.66 0.84 -4.40
N ALA B 522 -18.06 1.18 -3.27
CA ALA B 522 -18.65 2.19 -2.39
C ALA B 522 -18.58 3.57 -3.02
N VAL B 523 -17.41 3.99 -3.46
CA VAL B 523 -17.33 5.28 -4.11
C VAL B 523 -18.03 5.25 -5.45
N SER B 524 -18.02 4.10 -6.12
CA SER B 524 -18.84 3.96 -7.33
C SER B 524 -20.30 4.30 -7.04
N ARG B 525 -20.87 3.71 -6.01
CA ARG B 525 -22.22 4.06 -5.61
C ARG B 525 -22.34 5.54 -5.35
N SER B 526 -21.24 6.18 -4.97
CA SER B 526 -21.28 7.61 -4.69
C SER B 526 -21.15 8.44 -5.95
N MET B 527 -20.26 8.06 -6.87
CA MET B 527 -20.07 8.86 -8.07
C MET B 527 -21.04 8.50 -9.18
N LEU B 528 -21.35 7.22 -9.34
CA LEU B 528 -22.13 6.72 -10.48
C LEU B 528 -23.59 6.51 -10.18
N GLY B 529 -23.93 6.05 -8.99
CA GLY B 529 -25.31 5.75 -8.69
C GLY B 529 -25.81 4.45 -9.29
N LEU B 530 -24.92 3.59 -9.74
CA LEU B 530 -25.30 2.30 -10.28
C LEU B 530 -25.25 1.25 -9.20
N THR B 531 -26.00 0.17 -9.39
CA THR B 531 -25.92 -0.96 -8.48
C THR B 531 -24.55 -1.63 -8.60
N THR B 532 -24.00 -2.05 -7.48
CA THR B 532 -22.69 -2.68 -7.46
C THR B 532 -22.80 -4.10 -6.96
N GLN B 533 -21.86 -4.92 -7.41
CA GLN B 533 -21.66 -6.24 -6.86
C GLN B 533 -20.17 -6.49 -6.80
N THR B 534 -19.78 -7.43 -5.98
CA THR B 534 -18.45 -7.98 -6.09
C THR B 534 -18.44 -8.92 -7.28
N VAL B 535 -17.25 -9.27 -7.74
CA VAL B 535 -17.18 -10.43 -8.60
C VAL B 535 -17.71 -11.63 -7.85
N ASP B 536 -17.42 -11.70 -6.56
CA ASP B 536 -17.97 -12.75 -5.72
C ASP B 536 -19.48 -12.63 -5.64
N SER B 537 -19.98 -11.44 -5.35
CA SER B 537 -21.41 -11.24 -5.32
C SER B 537 -22.09 -11.54 -6.65
N SER B 538 -21.36 -11.41 -7.75
CA SER B 538 -22.00 -11.56 -9.05
C SER B 538 -22.20 -13.02 -9.43
N GLN B 539 -21.33 -13.90 -8.96
CA GLN B 539 -21.32 -15.28 -9.41
C GLN B 539 -22.69 -15.90 -9.30
N GLY B 540 -23.24 -16.30 -10.45
CA GLY B 540 -24.53 -16.94 -10.49
C GLY B 540 -25.65 -16.10 -11.06
N SER B 541 -25.42 -14.83 -11.34
CA SER B 541 -26.44 -13.98 -11.90
C SER B 541 -25.99 -13.46 -13.26
N GLU B 542 -26.95 -12.90 -13.99
CA GLU B 542 -26.69 -12.28 -15.28
C GLU B 542 -27.37 -10.92 -15.36
N TYR B 543 -26.75 -10.02 -16.10
CA TYR B 543 -27.30 -8.69 -16.28
C TYR B 543 -27.17 -8.27 -17.72
N GLN B 544 -28.02 -7.32 -18.13
CA GLN B 544 -28.00 -6.86 -19.51
C GLN B 544 -26.71 -6.11 -19.81
N TYR B 545 -26.34 -5.18 -18.94
CA TYR B 545 -25.18 -4.34 -19.17
C TYR B 545 -24.34 -4.34 -17.93
N VAL B 546 -23.04 -4.55 -18.09
CA VAL B 546 -22.13 -4.55 -16.96
C VAL B 546 -20.95 -3.65 -17.27
N ILE B 547 -20.45 -2.98 -16.25
CA ILE B 547 -19.28 -2.15 -16.32
C ILE B 547 -18.29 -2.72 -15.33
N PHE B 548 -17.20 -3.28 -15.82
CA PHE B 548 -16.22 -3.92 -14.96
C PHE B 548 -15.01 -3.04 -14.84
N CYS B 549 -14.55 -2.82 -13.61
CA CYS B 549 -13.50 -1.88 -13.31
C CYS B 549 -12.46 -2.57 -12.44
N GLN B 550 -11.61 -3.36 -13.05
CA GLN B 550 -10.45 -3.89 -12.36
C GLN B 550 -9.69 -2.74 -11.78
N THR B 551 -9.52 -2.72 -10.48
CA THR B 551 -9.13 -1.49 -9.82
C THR B 551 -7.64 -1.39 -9.53
N ALA B 552 -6.95 -2.49 -9.33
CA ALA B 552 -5.56 -2.42 -8.96
C ALA B 552 -4.75 -3.35 -9.82
N ASP B 553 -3.44 -3.36 -9.60
CA ASP B 553 -2.58 -4.31 -10.28
C ASP B 553 -2.02 -5.32 -9.31
N THR B 554 -2.89 -5.93 -8.53
CA THR B 554 -2.50 -6.95 -7.58
C THR B 554 -2.81 -8.31 -8.15
N ALA B 555 -2.28 -9.35 -7.51
CA ALA B 555 -2.68 -10.68 -7.90
C ALA B 555 -4.17 -10.87 -7.72
N HIS B 556 -4.75 -10.25 -6.69
CA HIS B 556 -6.17 -10.45 -6.47
C HIS B 556 -6.98 -10.01 -7.65
N ALA B 557 -6.58 -8.93 -8.30
CA ALA B 557 -7.38 -8.33 -9.35
C ALA B 557 -7.03 -8.83 -10.73
N ASN B 558 -5.87 -9.45 -10.89
CA ASN B 558 -5.52 -10.06 -12.15
C ASN B 558 -5.84 -11.54 -12.19
N ASN B 559 -6.60 -12.05 -11.24
CA ASN B 559 -6.90 -13.47 -11.19
C ASN B 559 -7.80 -13.83 -12.36
N ILE B 560 -7.23 -14.52 -13.34
CA ILE B 560 -7.93 -14.99 -14.53
C ILE B 560 -9.29 -15.56 -14.17
N ASN B 561 -9.40 -16.16 -13.00
CA ASN B 561 -10.67 -16.75 -12.61
C ASN B 561 -11.70 -15.68 -12.29
N ARG B 562 -11.29 -14.63 -11.57
CA ARG B 562 -12.25 -13.57 -11.29
C ARG B 562 -12.66 -12.86 -12.56
N PHE B 563 -11.74 -12.70 -13.48
CA PHE B 563 -12.02 -12.08 -14.76
C PHE B 563 -13.18 -12.81 -15.43
N ASN B 564 -12.94 -14.03 -15.88
CA ASN B 564 -13.95 -14.84 -16.56
C ASN B 564 -15.32 -14.77 -15.90
N VAL B 565 -15.37 -14.65 -14.58
CA VAL B 565 -16.66 -14.56 -13.91
C VAL B 565 -17.29 -13.21 -14.17
N ALA B 566 -16.50 -12.16 -14.16
CA ALA B 566 -17.01 -10.81 -14.27
C ALA B 566 -17.60 -10.56 -15.64
N ILE B 567 -16.76 -10.63 -16.66
CA ILE B 567 -17.15 -10.53 -18.06
C ILE B 567 -18.43 -11.28 -18.34
N THR B 568 -18.43 -12.56 -18.05
CA THR B 568 -19.55 -13.40 -18.41
C THR B 568 -20.78 -13.11 -17.62
N ARG B 569 -20.93 -12.07 -16.80
CA ARG B 569 -22.24 -11.80 -16.20
C ARG B 569 -23.19 -11.19 -17.20
N ALA B 570 -22.70 -10.80 -18.36
CA ALA B 570 -23.36 -9.80 -19.19
C ALA B 570 -24.04 -10.45 -20.37
N GLN B 571 -25.30 -10.13 -20.56
CA GLN B 571 -26.07 -10.63 -21.68
C GLN B 571 -25.84 -9.82 -22.95
N LYS B 572 -25.85 -8.49 -22.87
CA LYS B 572 -25.80 -7.67 -24.07
C LYS B 572 -24.49 -6.91 -24.24
N GLY B 573 -23.99 -6.28 -23.20
CA GLY B 573 -22.78 -5.49 -23.39
C GLY B 573 -21.94 -5.38 -22.14
N ILE B 574 -20.75 -4.84 -22.30
CA ILE B 574 -19.81 -4.78 -21.20
C ILE B 574 -18.75 -3.74 -21.52
N LEU B 575 -18.28 -3.06 -20.48
CA LEU B 575 -17.14 -2.16 -20.56
C LEU B 575 -16.09 -2.60 -19.55
N CYS B 576 -14.84 -2.65 -19.98
CA CYS B 576 -13.75 -3.20 -19.17
C CYS B 576 -12.70 -2.14 -18.92
N VAL B 577 -12.68 -1.57 -17.73
CA VAL B 577 -11.67 -0.59 -17.36
C VAL B 577 -10.51 -1.35 -16.75
N MET B 578 -9.46 -1.60 -17.54
CA MET B 578 -8.42 -2.54 -17.16
C MET B 578 -7.16 -1.82 -16.70
N THR B 579 -6.38 -2.50 -15.85
CA THR B 579 -5.08 -2.01 -15.43
C THR B 579 -3.93 -2.92 -15.82
N SER B 580 -4.19 -4.11 -16.33
CA SER B 580 -3.15 -5.04 -16.74
C SER B 580 -3.12 -5.15 -18.25
N GLN B 581 -2.04 -4.68 -18.86
CA GLN B 581 -1.95 -4.68 -20.31
C GLN B 581 -2.16 -6.07 -20.89
N ALA B 582 -1.70 -7.11 -20.20
CA ALA B 582 -1.79 -8.45 -20.77
C ALA B 582 -3.22 -8.96 -20.75
N LEU B 583 -3.92 -8.73 -19.65
CA LEU B 583 -5.33 -9.10 -19.60
C LEU B 583 -6.15 -8.22 -20.53
N PHE B 584 -5.80 -6.95 -20.64
CA PHE B 584 -6.47 -6.07 -21.58
C PHE B 584 -6.28 -6.56 -23.00
N GLU B 585 -5.08 -7.01 -23.34
CA GLU B 585 -4.83 -7.47 -24.69
C GLU B 585 -5.58 -8.75 -25.02
N SER B 586 -6.09 -9.45 -24.01
CA SER B 586 -6.78 -10.70 -24.29
C SER B 586 -8.22 -10.53 -24.65
N LEU B 587 -8.69 -9.29 -24.74
CA LEU B 587 -10.10 -9.00 -24.90
C LEU B 587 -10.40 -8.67 -26.36
N GLU B 588 -11.39 -9.34 -26.91
CA GLU B 588 -11.83 -9.10 -28.27
C GLU B 588 -13.00 -8.13 -28.26
N PHE B 589 -12.71 -6.96 -27.73
CA PHE B 589 -13.65 -5.86 -27.64
C PHE B 589 -13.08 -4.65 -28.36
N THR B 590 -13.95 -3.76 -28.82
CA THR B 590 -13.49 -2.52 -29.42
C THR B 590 -12.78 -1.68 -28.38
N GLU B 591 -11.67 -1.08 -28.77
CA GLU B 591 -10.83 -0.33 -27.85
C GLU B 591 -11.28 1.11 -27.75
N LEU B 592 -11.48 1.58 -26.52
CA LEU B 592 -11.80 2.97 -26.24
C LEU B 592 -10.60 3.67 -25.62
N SER B 593 -10.75 4.98 -25.46
CA SER B 593 -9.72 5.81 -24.87
C SER B 593 -10.37 6.84 -23.96
N PHE B 594 -9.60 7.34 -23.01
CA PHE B 594 -10.06 8.40 -22.13
C PHE B 594 -10.57 9.60 -22.91
N THR B 595 -9.96 9.88 -24.05
CA THR B 595 -10.27 11.04 -24.86
C THR B 595 -11.28 10.77 -25.95
N ASN B 596 -11.42 9.51 -26.36
CA ASN B 596 -12.22 9.12 -27.51
C ASN B 596 -13.07 7.94 -27.07
N TYR B 597 -14.28 8.24 -26.59
CA TYR B 597 -15.10 7.21 -25.96
C TYR B 597 -16.57 7.32 -26.27
N LYS B 598 -16.99 8.25 -27.11
CA LYS B 598 -18.40 8.32 -27.45
C LYS B 598 -18.75 7.15 -28.37
N LEU B 599 -19.98 6.69 -28.27
CA LEU B 599 -20.46 5.62 -29.12
C LEU B 599 -21.49 6.16 -30.10
N GLN B 600 -21.77 5.35 -31.12
CA GLN B 600 -22.81 5.62 -32.10
C GLN B 600 -24.12 6.12 -31.49
ZN ZN C . -10.68 23.38 -16.75
ZN ZN D . -12.17 21.06 -4.30
ZN ZN E . -33.51 25.11 0.04
S SO4 F . 30.55 21.14 1.33
O1 SO4 F . 31.57 20.20 0.90
O2 SO4 F . 29.38 20.94 0.49
O3 SO4 F . 30.21 20.89 2.74
O4 SO4 F . 31.05 22.49 1.15
ZN ZN G . -0.14 -42.55 13.73
ZN ZN H . 0.12 -30.71 17.67
ZN ZN I . 6.91 -31.20 38.54
S SO4 J . -9.95 -26.99 1.52
O1 SO4 J . -9.56 -28.26 0.93
O2 SO4 J . -11.22 -26.62 0.94
O3 SO4 J . -8.95 -25.98 1.21
O4 SO4 J . -10.13 -27.14 2.96
S SO4 K . -12.13 -5.79 0.01
O1 SO4 K . -12.32 -7.02 -0.75
O2 SO4 K . -12.74 -4.68 -0.72
O3 SO4 K . -12.76 -5.88 1.31
O4 SO4 K . -10.70 -5.55 0.17
S SO4 L . -26.70 -22.09 -16.64
O1 SO4 L . -25.75 -23.19 -16.68
O2 SO4 L . -27.12 -21.79 -18.00
O3 SO4 L . -27.87 -22.45 -15.84
O4 SO4 L . -26.03 -20.94 -16.04
S SO4 M . -23.17 -19.19 -14.33
O1 SO4 M . -23.37 -20.30 -15.25
O2 SO4 M . -23.11 -17.99 -15.11
O3 SO4 M . -24.28 -19.11 -13.42
O4 SO4 M . -21.94 -19.36 -13.57
#